data_2YCB
#
_entry.id   2YCB
#
_cell.length_a   112.027
_cell.length_b   112.027
_cell.length_c   400.608
_cell.angle_alpha   90.00
_cell.angle_beta   90.00
_cell.angle_gamma   90.00
#
_symmetry.space_group_name_H-M   'P 41 21 2'
#
loop_
_entity.id
_entity.type
_entity.pdbx_description
1 polymer 'CLEAVAGE AND POLYADENYLATION SPECIFICITY FACTOR'
2 non-polymer 'ZINC ION'
3 non-polymer 'PHOSPHATE ION'
4 non-polymer 'POTASSIUM ION'
5 water water
#
_entity_poly.entity_id   1
_entity_poly.type   'polypeptide(L)'
_entity_poly.pdbx_seq_one_letter_code
;MVSEMLEEIKRTIMQRLPERVQVAKVEFEGPEVVIYTKNPEIITENGNLIRDIAKDIRKRIIIRSDRSVLMDPEKAIRKI
HEIVPEEAKITNISFDDVTCEVIIEARKPGLVIGKYGSTSREIVKNTGWAPKILRTPPISSEIIERIRRTLRKNSKERKK
ILQQLGNRIHQKPKYDNDWARLTAMGGFREVGRSCLYLQTPNSRVLLDCGVNVAGGDDKNSYPYLNVPEFTLDSLDAVII
THAHLDHSGFLPYLYHYGYDGPVYCTAPTRDLMTLLQLDHIDIAHREDEPLPFNVKHVKKSVKHTITLDYGEVTDIAPDI
RLTLHNAGHILGSAMAHLHIGDGQHNMVYTGDFKYEQSRLLEAAANRFPRIETLVMESTYGGHEDVQPSRNRAEKELVKT
IYSTLRRGGKILIPVFAVGRAQELMIVLEEYIRTGIIDEVPVYIDGMIWEANAIHTARPEYLSKDLRDQIFHMGHNPFIS
DIFHKVNGMDERREIVEGEPSIILSTSGMLTGGNSLEYFKWLCEDPDNSLVFVGYQAEGSLGRRIQKGWKEIPLKDEDDK
MRVYNVRMNIKTIEGFSGHSDRRQLMEYVKRISPKPEKILLCHGDNYKTLDLASSIYRTYRIETKTPLNLETVRIQ
;
_entity_poly.pdbx_strand_id   A,B
#
# COMPACT_ATOMS: atom_id res chain seq x y z
N SER A 3 -6.66 -29.51 -6.36
CA SER A 3 -7.02 -30.91 -6.00
C SER A 3 -7.82 -31.59 -7.11
N GLU A 4 -8.69 -30.81 -7.76
CA GLU A 4 -9.60 -31.34 -8.77
C GLU A 4 -9.25 -30.86 -10.17
N MET A 5 -8.85 -29.60 -10.28
CA MET A 5 -8.36 -29.03 -11.54
C MET A 5 -7.08 -29.74 -11.98
N LEU A 6 -6.36 -30.31 -11.00
CA LEU A 6 -5.10 -31.01 -11.25
C LEU A 6 -5.30 -32.34 -11.94
N GLU A 7 -6.46 -32.96 -11.69
CA GLU A 7 -6.80 -34.24 -12.30
C GLU A 7 -6.94 -34.10 -13.82
N GLU A 8 -7.56 -33.01 -14.26
CA GLU A 8 -7.68 -32.67 -15.67
C GLU A 8 -6.32 -32.55 -16.34
N ILE A 9 -5.35 -32.01 -15.59
CA ILE A 9 -3.99 -31.90 -16.09
C ILE A 9 -3.38 -33.30 -16.24
N LYS A 10 -3.61 -34.16 -15.25
CA LYS A 10 -3.14 -35.55 -15.30
C LYS A 10 -3.77 -36.33 -16.45
N ARG A 11 -5.08 -36.18 -16.63
CA ARG A 11 -5.80 -36.87 -17.71
C ARG A 11 -5.30 -36.46 -19.08
N THR A 12 -4.95 -35.18 -19.23
CA THR A 12 -4.43 -34.66 -20.50
C THR A 12 -3.12 -35.33 -20.88
N ILE A 13 -2.28 -35.58 -19.88
CA ILE A 13 -0.98 -36.24 -20.06
C ILE A 13 -1.17 -37.67 -20.58
N MET A 14 -1.97 -38.45 -19.87
CA MET A 14 -2.17 -39.87 -20.17
C MET A 14 -2.82 -40.09 -21.54
N GLN A 15 -3.70 -39.16 -21.91
CA GLN A 15 -4.40 -39.23 -23.20
C GLN A 15 -3.51 -38.81 -24.37
N ARG A 16 -2.37 -38.19 -24.05
CA ARG A 16 -1.40 -37.79 -25.06
C ARG A 16 -0.17 -38.70 -25.07
N LEU A 17 -0.15 -39.69 -24.20
CA LEU A 17 1.00 -40.57 -24.03
C LEU A 17 0.74 -42.02 -24.37
N PRO A 18 1.69 -42.67 -25.07
CA PRO A 18 1.61 -44.08 -25.40
C PRO A 18 1.77 -44.95 -24.16
N GLU A 19 1.18 -46.14 -24.20
CA GLU A 19 1.26 -47.08 -23.07
C GLU A 19 2.68 -47.58 -22.88
N ARG A 20 3.43 -47.62 -23.98
CA ARG A 20 4.83 -48.02 -23.97
C ARG A 20 5.64 -47.24 -22.93
N VAL A 21 5.35 -45.95 -22.82
CA VAL A 21 5.81 -45.13 -21.71
C VAL A 21 5.04 -45.61 -20.49
N GLN A 22 5.67 -46.44 -19.67
CA GLN A 22 4.95 -47.03 -18.55
C GLN A 22 4.88 -46.09 -17.37
N VAL A 23 3.87 -45.23 -17.38
CA VAL A 23 3.56 -44.30 -16.30
C VAL A 23 3.21 -45.04 -15.00
N ALA A 24 3.96 -44.73 -13.95
CA ALA A 24 3.67 -45.27 -12.62
C ALA A 24 2.74 -44.32 -11.85
N LYS A 25 3.07 -43.04 -11.86
CA LYS A 25 2.25 -41.98 -11.28
C LYS A 25 2.70 -40.63 -11.82
N VAL A 26 1.82 -39.65 -11.76
CA VAL A 26 2.15 -38.28 -12.15
C VAL A 26 1.97 -37.37 -10.95
N GLU A 27 3.06 -36.75 -10.52
CA GLU A 27 3.04 -35.87 -9.35
C GLU A 27 3.18 -34.41 -9.74
N PHE A 28 2.66 -33.53 -8.89
CA PHE A 28 2.91 -32.10 -8.99
C PHE A 28 3.91 -31.71 -7.92
N GLU A 29 5.18 -31.71 -8.28
CA GLU A 29 6.24 -31.40 -7.32
C GLU A 29 6.77 -29.99 -7.54
N GLY A 30 6.45 -29.12 -6.58
CA GLY A 30 6.83 -27.72 -6.65
C GLY A 30 6.42 -27.10 -7.98
N PRO A 31 7.31 -26.30 -8.57
CA PRO A 31 7.07 -25.61 -9.85
C PRO A 31 6.86 -26.53 -11.05
N GLU A 32 7.12 -27.82 -10.89
CA GLU A 32 7.10 -28.72 -12.04
C GLU A 32 6.19 -29.94 -11.92
N VAL A 33 5.95 -30.57 -13.06
CA VAL A 33 5.14 -31.79 -13.14
C VAL A 33 6.07 -32.97 -13.39
N VAL A 34 5.91 -34.01 -12.59
CA VAL A 34 6.80 -35.16 -12.68
C VAL A 34 6.07 -36.41 -13.16
N ILE A 35 6.63 -37.02 -14.20
CA ILE A 35 6.13 -38.27 -14.74
C ILE A 35 7.10 -39.37 -14.36
N TYR A 36 6.63 -40.31 -13.53
CA TYR A 36 7.42 -41.46 -13.12
C TYR A 36 7.13 -42.65 -14.02
N THR A 37 8.17 -43.27 -14.55
CA THR A 37 7.99 -44.40 -15.45
C THR A 37 8.69 -45.68 -14.98
N LYS A 38 8.03 -46.81 -15.24
CA LYS A 38 8.55 -48.13 -14.91
C LYS A 38 9.43 -48.67 -16.05
N ASN A 39 9.77 -47.80 -16.98
CA ASN A 39 10.61 -48.13 -18.12
C ASN A 39 11.66 -47.04 -18.29
N PRO A 40 12.83 -47.21 -17.64
CA PRO A 40 13.87 -46.18 -17.62
C PRO A 40 14.34 -45.75 -19.01
N GLU A 41 14.31 -46.69 -19.95
CA GLU A 41 14.72 -46.43 -21.34
C GLU A 41 13.92 -45.30 -22.00
N ILE A 42 12.76 -44.98 -21.44
CA ILE A 42 11.91 -43.91 -21.95
C ILE A 42 12.58 -42.56 -21.74
N ILE A 43 13.17 -42.36 -20.56
CA ILE A 43 13.94 -41.16 -20.25
C ILE A 43 14.97 -40.92 -21.35
N THR A 44 15.68 -41.99 -21.70
CA THR A 44 16.73 -42.01 -22.71
C THR A 44 16.27 -41.46 -24.06
N GLU A 45 15.07 -41.84 -24.49
CA GLU A 45 14.52 -41.39 -25.76
C GLU A 45 14.20 -39.90 -25.73
N ASN A 46 14.02 -39.32 -26.91
CA ASN A 46 13.72 -37.91 -27.03
C ASN A 46 12.35 -37.58 -26.43
N GLY A 47 12.37 -36.74 -25.40
CA GLY A 47 11.13 -36.24 -24.82
C GLY A 47 10.57 -35.12 -25.67
N ASN A 48 10.54 -35.32 -26.99
CA ASN A 48 9.98 -34.33 -27.91
C ASN A 48 8.47 -34.36 -27.85
N LEU A 49 7.89 -35.56 -27.76
CA LEU A 49 6.47 -35.74 -27.53
C LEU A 49 6.11 -35.18 -26.16
N ILE A 50 7.05 -35.31 -25.22
CA ILE A 50 6.91 -34.77 -23.88
C ILE A 50 6.89 -33.24 -23.91
N ARG A 51 7.86 -32.65 -24.59
CA ARG A 51 7.94 -31.20 -24.73
C ARG A 51 6.75 -30.65 -25.51
N ASP A 52 6.25 -31.43 -26.47
CA ASP A 52 5.03 -31.08 -27.22
C ASP A 52 3.84 -30.99 -26.27
N ILE A 53 3.80 -31.86 -25.26
CA ILE A 53 2.78 -31.82 -24.22
C ILE A 53 3.01 -30.64 -23.27
N ALA A 54 4.26 -30.46 -22.85
CA ALA A 54 4.65 -29.36 -21.96
C ALA A 54 4.20 -28.00 -22.50
N LYS A 55 4.55 -27.72 -23.75
CA LYS A 55 4.14 -26.49 -24.42
C LYS A 55 2.63 -26.39 -24.60
N ASP A 56 1.98 -27.53 -24.79
CA ASP A 56 0.52 -27.59 -24.94
C ASP A 56 -0.24 -27.21 -23.67
N ILE A 57 0.26 -27.65 -22.52
CA ILE A 57 -0.37 -27.33 -21.23
C ILE A 57 0.31 -26.18 -20.48
N ARG A 58 1.32 -25.57 -21.11
CA ARG A 58 2.11 -24.47 -20.53
C ARG A 58 2.67 -24.81 -19.15
N LYS A 59 3.44 -25.90 -19.09
CA LYS A 59 4.04 -26.38 -17.85
C LYS A 59 5.43 -26.92 -18.14
N ARG A 60 6.24 -27.07 -17.09
CA ARG A 60 7.50 -27.78 -17.18
C ARG A 60 7.24 -29.22 -16.78
N ILE A 61 7.70 -30.18 -17.58
CA ILE A 61 7.49 -31.60 -17.31
C ILE A 61 8.81 -32.36 -17.17
N ILE A 62 8.96 -33.08 -16.08
CA ILE A 62 10.15 -33.88 -15.82
C ILE A 62 9.78 -35.37 -15.87
N ILE A 63 10.67 -36.18 -16.42
CA ILE A 63 10.52 -37.63 -16.39
C ILE A 63 11.56 -38.21 -15.45
N ARG A 64 11.14 -39.12 -14.58
CA ARG A 64 12.04 -39.85 -13.70
C ARG A 64 11.65 -41.31 -13.67
N SER A 65 12.55 -42.17 -13.19
CA SER A 65 12.21 -43.56 -12.95
C SER A 65 11.46 -43.70 -11.64
N ASP A 66 10.54 -44.65 -11.60
CA ASP A 66 9.84 -44.98 -10.36
C ASP A 66 10.80 -45.66 -9.39
N ARG A 67 10.54 -45.50 -8.10
CA ARG A 67 11.36 -46.11 -7.05
C ARG A 67 11.57 -47.61 -7.29
N SER A 68 10.55 -48.28 -7.82
CA SER A 68 10.59 -49.71 -8.09
C SER A 68 11.69 -50.11 -9.05
N VAL A 69 11.87 -49.33 -10.12
CA VAL A 69 12.87 -49.64 -11.15
C VAL A 69 14.23 -48.96 -10.93
N LEU A 70 14.50 -48.57 -9.70
CA LEU A 70 15.79 -48.00 -9.32
C LEU A 70 16.68 -49.07 -8.67
N MET A 71 17.96 -49.06 -9.04
CA MET A 71 18.91 -50.04 -8.55
C MET A 71 19.41 -49.65 -7.16
N ASP A 72 19.51 -50.64 -6.26
CA ASP A 72 20.08 -50.42 -4.93
C ASP A 72 21.43 -49.73 -5.06
N PRO A 73 21.58 -48.53 -4.45
CA PRO A 73 22.82 -47.73 -4.52
C PRO A 73 24.08 -48.57 -4.34
N GLU A 74 24.03 -49.53 -3.42
CA GLU A 74 25.06 -50.55 -3.26
C GLU A 74 25.45 -51.12 -4.63
N LYS A 75 24.51 -51.83 -5.25
CA LYS A 75 24.75 -52.51 -6.53
C LYS A 75 24.94 -51.53 -7.69
N ALA A 76 24.29 -50.37 -7.60
CA ALA A 76 24.35 -49.33 -8.61
C ALA A 76 25.77 -48.83 -8.88
N ILE A 77 26.58 -48.77 -7.83
CA ILE A 77 27.97 -48.30 -7.93
C ILE A 77 28.85 -49.25 -8.76
N ARG A 78 28.72 -50.55 -8.54
CA ARG A 78 29.48 -51.54 -9.29
C ARG A 78 29.28 -51.36 -10.79
N LYS A 79 28.01 -51.24 -11.19
CA LYS A 79 27.62 -51.14 -12.60
C LYS A 79 28.16 -49.87 -13.27
N ILE A 80 28.44 -48.84 -12.45
CA ILE A 80 29.06 -47.61 -12.95
C ILE A 80 30.52 -47.87 -13.32
N HIS A 81 31.31 -48.29 -12.33
CA HIS A 81 32.73 -48.57 -12.50
C HIS A 81 32.97 -49.57 -13.63
N GLU A 82 31.92 -50.31 -13.95
CA GLU A 82 31.97 -51.32 -15.00
C GLU A 82 32.07 -50.67 -16.37
N ILE A 83 31.33 -49.58 -16.57
CA ILE A 83 31.19 -48.96 -17.89
C ILE A 83 31.65 -47.50 -17.94
N VAL A 84 32.92 -47.26 -17.60
CA VAL A 84 33.54 -45.94 -17.75
C VAL A 84 34.97 -46.05 -18.34
N PRO A 85 35.81 -46.96 -17.81
CA PRO A 85 35.68 -47.65 -16.53
C PRO A 85 36.51 -46.91 -15.46
N GLU A 86 37.83 -46.96 -15.61
CA GLU A 86 38.77 -46.23 -14.77
C GLU A 86 39.19 -44.96 -15.49
N GLU A 87 39.11 -44.99 -16.82
CA GLU A 87 39.55 -43.91 -17.69
C GLU A 87 39.24 -42.51 -17.18
N ALA A 88 37.96 -42.21 -16.99
CA ALA A 88 37.52 -40.89 -16.54
C ALA A 88 37.52 -40.79 -15.03
N LYS A 89 38.66 -41.15 -14.42
CA LYS A 89 38.78 -41.37 -12.97
C LYS A 89 37.73 -40.67 -12.12
N ILE A 90 36.88 -41.48 -11.49
CA ILE A 90 35.73 -40.99 -10.71
C ILE A 90 36.11 -40.66 -9.28
N THR A 91 35.73 -39.46 -8.84
CA THR A 91 36.03 -38.96 -7.51
C THR A 91 35.01 -39.44 -6.49
N ASN A 92 33.74 -39.11 -6.74
CA ASN A 92 32.68 -39.48 -5.81
C ASN A 92 31.36 -39.75 -6.51
N ILE A 93 30.54 -40.60 -5.88
CA ILE A 93 29.21 -40.92 -6.36
C ILE A 93 28.21 -40.67 -5.23
N SER A 94 27.16 -39.92 -5.53
CA SER A 94 26.09 -39.65 -4.56
C SER A 94 24.74 -39.95 -5.17
N PHE A 95 23.73 -40.06 -4.31
CA PHE A 95 22.37 -40.37 -4.75
C PHE A 95 21.33 -39.39 -4.18
N ASP A 96 20.29 -39.13 -4.96
CA ASP A 96 19.23 -38.21 -4.57
C ASP A 96 17.85 -38.86 -4.69
N ASP A 97 17.32 -39.33 -3.55
CA ASP A 97 16.03 -40.02 -3.48
C ASP A 97 14.85 -39.25 -4.09
N VAL A 98 14.97 -37.92 -4.19
CA VAL A 98 13.88 -37.09 -4.69
C VAL A 98 13.92 -36.98 -6.21
N THR A 99 15.01 -36.43 -6.73
CA THR A 99 15.14 -36.19 -8.18
C THR A 99 15.53 -37.45 -8.96
N CYS A 100 15.77 -38.55 -8.25
CA CYS A 100 16.20 -39.83 -8.83
C CYS A 100 17.47 -39.73 -9.66
N GLU A 101 18.37 -38.85 -9.22
CA GLU A 101 19.61 -38.58 -9.92
C GLU A 101 20.79 -39.27 -9.24
N VAL A 102 21.77 -39.68 -10.03
CA VAL A 102 23.04 -40.14 -9.49
C VAL A 102 24.12 -39.10 -9.77
N ILE A 103 24.64 -38.51 -8.69
CA ILE A 103 25.61 -37.44 -8.82
C ILE A 103 26.98 -38.06 -8.96
N ILE A 104 27.58 -37.88 -10.14
CA ILE A 104 28.88 -38.43 -10.45
C ILE A 104 29.89 -37.31 -10.71
N GLU A 105 30.89 -37.22 -9.84
CA GLU A 105 31.97 -36.27 -10.06
C GLU A 105 33.27 -37.01 -10.40
N ALA A 106 33.94 -36.56 -11.46
CA ALA A 106 35.09 -37.25 -12.03
C ALA A 106 36.12 -36.26 -12.60
N ARG A 107 37.36 -36.72 -12.73
CA ARG A 107 38.44 -35.90 -13.26
C ARG A 107 38.15 -35.47 -14.68
N LYS A 108 37.78 -36.42 -15.54
CA LYS A 108 37.40 -36.11 -16.91
C LYS A 108 35.96 -36.52 -17.16
N PRO A 109 35.02 -35.58 -17.01
CA PRO A 109 33.58 -35.82 -17.10
C PRO A 109 33.12 -36.26 -18.50
N GLY A 110 33.91 -35.90 -19.52
CA GLY A 110 33.58 -36.22 -20.90
C GLY A 110 33.34 -37.71 -21.12
N LEU A 111 34.22 -38.53 -20.56
CA LEU A 111 34.16 -39.98 -20.76
C LEU A 111 33.19 -40.68 -19.81
N VAL A 112 32.52 -39.90 -18.96
CA VAL A 112 31.40 -40.42 -18.17
C VAL A 112 30.14 -40.33 -19.03
N ILE A 113 30.11 -39.34 -19.90
CA ILE A 113 28.99 -39.09 -20.80
C ILE A 113 28.99 -40.03 -22.01
N GLY A 114 30.14 -40.15 -22.68
CA GLY A 114 30.23 -40.91 -23.93
C GLY A 114 29.99 -40.03 -25.13
N LYS A 115 30.57 -40.38 -26.28
CA LYS A 115 30.57 -39.53 -27.47
C LYS A 115 29.22 -38.86 -27.77
N TYR A 116 28.22 -39.67 -28.10
CA TYR A 116 26.90 -39.15 -28.39
C TYR A 116 26.03 -39.30 -27.15
N GLY A 117 26.64 -39.11 -25.98
CA GLY A 117 25.95 -39.27 -24.70
C GLY A 117 25.52 -40.71 -24.48
N SER A 118 26.30 -41.63 -25.05
CA SER A 118 25.97 -43.06 -25.05
C SER A 118 26.33 -43.80 -23.76
N THR A 119 27.38 -43.35 -23.08
CA THR A 119 27.82 -43.97 -21.83
C THR A 119 26.82 -43.73 -20.70
N SER A 120 26.36 -42.49 -20.55
CA SER A 120 25.34 -42.15 -19.58
C SER A 120 24.01 -42.81 -19.94
N ARG A 121 23.78 -42.98 -21.24
CA ARG A 121 22.61 -43.70 -21.75
C ARG A 121 22.58 -45.09 -21.16
N GLU A 122 23.73 -45.75 -21.18
CA GLU A 122 23.87 -47.09 -20.62
C GLU A 122 23.66 -47.10 -19.11
N ILE A 123 24.08 -46.03 -18.44
CA ILE A 123 23.89 -45.93 -17.00
C ILE A 123 22.40 -45.98 -16.64
N VAL A 124 21.61 -45.07 -17.23
CA VAL A 124 20.17 -45.02 -17.00
C VAL A 124 19.51 -46.34 -17.34
N LYS A 125 19.92 -46.94 -18.46
CA LYS A 125 19.32 -48.16 -18.96
C LYS A 125 19.55 -49.34 -18.02
N ASN A 126 20.64 -49.28 -17.25
CA ASN A 126 21.03 -50.39 -16.37
C ASN A 126 20.74 -50.19 -14.88
N THR A 127 20.62 -48.94 -14.45
CA THR A 127 20.36 -48.62 -13.03
C THR A 127 19.04 -47.91 -12.81
N GLY A 128 18.63 -47.08 -13.77
CA GLY A 128 17.39 -46.33 -13.68
C GLY A 128 17.61 -44.92 -13.17
N TRP A 129 18.86 -44.59 -12.88
CA TRP A 129 19.19 -43.28 -12.33
C TRP A 129 19.60 -42.31 -13.42
N ALA A 130 19.11 -41.08 -13.29
CA ALA A 130 19.53 -39.98 -14.15
C ALA A 130 20.90 -39.50 -13.68
N PRO A 131 21.94 -39.68 -14.52
CA PRO A 131 23.27 -39.27 -14.11
C PRO A 131 23.44 -37.77 -14.18
N LYS A 132 23.95 -37.18 -13.10
CA LYS A 132 24.35 -35.79 -13.11
C LYS A 132 25.87 -35.71 -13.19
N ILE A 133 26.36 -35.57 -14.42
CA ILE A 133 27.79 -35.58 -14.68
C ILE A 133 28.39 -34.23 -14.26
N LEU A 134 29.38 -34.30 -13.39
CA LEU A 134 29.93 -33.12 -12.71
C LEU A 134 31.45 -33.22 -12.60
N ARG A 135 32.14 -32.09 -12.78
CA ARG A 135 33.61 -32.07 -12.67
C ARG A 135 34.04 -32.04 -11.20
N THR A 136 35.18 -32.65 -10.90
CA THR A 136 35.72 -32.73 -9.54
C THR A 136 36.16 -31.37 -9.01
N PRO A 137 35.60 -30.95 -7.85
CA PRO A 137 36.00 -29.69 -7.22
C PRO A 137 37.42 -29.78 -6.69
N PRO A 138 38.29 -28.83 -7.09
CA PRO A 138 39.69 -28.80 -6.66
C PRO A 138 39.82 -28.77 -5.14
N ILE A 139 38.82 -28.22 -4.46
CA ILE A 139 38.68 -28.34 -3.00
C ILE A 139 37.20 -28.46 -2.62
N SER A 140 36.90 -29.39 -1.72
CA SER A 140 35.53 -29.56 -1.24
C SER A 140 35.16 -28.42 -0.30
N SER A 141 33.88 -28.04 -0.31
CA SER A 141 33.35 -26.98 0.53
C SER A 141 32.51 -27.57 1.66
N GLU A 142 33.05 -27.51 2.88
CA GLU A 142 32.37 -28.00 4.08
C GLU A 142 30.89 -27.61 4.13
N ILE A 143 30.60 -26.37 3.72
CA ILE A 143 29.23 -25.85 3.69
C ILE A 143 28.29 -26.69 2.83
N ILE A 144 28.74 -27.01 1.62
CA ILE A 144 27.94 -27.79 0.69
C ILE A 144 27.72 -29.20 1.22
N GLU A 145 28.80 -29.81 1.70
CA GLU A 145 28.73 -31.14 2.31
C GLU A 145 27.64 -31.19 3.38
N ARG A 146 27.55 -30.12 4.18
CA ARG A 146 26.55 -30.01 5.24
C ARG A 146 25.15 -29.91 4.66
N ILE A 147 24.99 -29.02 3.67
CA ILE A 147 23.72 -28.83 2.98
C ILE A 147 23.23 -30.14 2.37
N ARG A 148 24.16 -30.91 1.81
CA ARG A 148 23.84 -32.21 1.24
C ARG A 148 23.36 -33.21 2.29
N ARG A 149 24.04 -33.23 3.45
CA ARG A 149 23.63 -34.10 4.55
C ARG A 149 22.22 -33.76 5.02
N THR A 150 21.93 -32.45 5.10
CA THR A 150 20.60 -31.98 5.48
C THR A 150 19.57 -32.49 4.49
N LEU A 151 19.80 -32.20 3.20
CA LEU A 151 18.90 -32.61 2.12
C LEU A 151 18.69 -34.13 2.06
N ARG A 152 19.78 -34.89 2.16
CA ARG A 152 19.71 -36.35 2.16
C ARG A 152 18.85 -36.89 3.29
N LYS A 153 19.21 -36.56 4.52
CA LYS A 153 18.57 -37.13 5.71
C LYS A 153 17.12 -36.64 5.91
N ASN A 154 16.68 -35.71 5.06
CA ASN A 154 15.32 -35.19 5.10
C ASN A 154 14.56 -35.39 3.80
N SER A 155 14.67 -36.59 3.23
CA SER A 155 13.99 -36.95 1.98
C SER A 155 12.48 -36.92 2.16
N LYS A 156 11.96 -37.85 2.94
CA LYS A 156 10.53 -37.95 3.21
C LYS A 156 9.91 -36.58 3.38
N GLU A 157 10.48 -35.76 4.27
CA GLU A 157 9.94 -34.45 4.58
C GLU A 157 9.96 -33.52 3.37
N ARG A 158 11.04 -33.55 2.59
CA ARG A 158 11.15 -32.68 1.43
C ARG A 158 10.16 -33.02 0.33
N LYS A 159 9.87 -34.32 0.16
CA LYS A 159 8.93 -34.77 -0.85
C LYS A 159 7.56 -34.21 -0.58
N LYS A 160 7.11 -34.33 0.68
CA LYS A 160 5.82 -33.79 1.08
C LYS A 160 5.73 -32.28 0.90
N ILE A 161 6.81 -31.57 1.25
CA ILE A 161 6.85 -30.12 1.06
C ILE A 161 6.61 -29.80 -0.42
N LEU A 162 7.34 -30.49 -1.29
CA LEU A 162 7.18 -30.34 -2.74
C LEU A 162 5.77 -30.73 -3.18
N GLN A 163 5.27 -31.83 -2.66
CA GLN A 163 3.92 -32.28 -2.91
C GLN A 163 2.90 -31.16 -2.61
N GLN A 164 2.99 -30.57 -1.42
CA GLN A 164 2.06 -29.53 -1.01
C GLN A 164 2.28 -28.22 -1.76
N LEU A 165 3.54 -27.82 -1.90
CA LEU A 165 3.85 -26.59 -2.62
C LEU A 165 3.28 -26.66 -4.03
N GLY A 166 3.60 -27.74 -4.74
CA GLY A 166 3.10 -27.98 -6.09
C GLY A 166 1.59 -27.96 -6.16
N ASN A 167 0.95 -28.42 -5.10
CA ASN A 167 -0.50 -28.44 -5.00
C ASN A 167 -1.09 -27.03 -4.99
N ARG A 168 -0.39 -26.09 -4.36
CA ARG A 168 -0.82 -24.70 -4.33
C ARG A 168 -0.54 -24.02 -5.66
N ILE A 169 0.58 -24.38 -6.29
CA ILE A 169 1.09 -23.61 -7.42
C ILE A 169 0.27 -23.77 -8.71
N HIS A 170 -0.13 -25.00 -9.00
CA HIS A 170 -0.77 -25.28 -10.29
C HIS A 170 -2.29 -25.19 -10.29
N GLN A 171 -2.83 -24.65 -9.19
CA GLN A 171 -4.24 -24.31 -9.11
C GLN A 171 -4.57 -23.22 -10.11
N LYS A 172 -5.83 -23.18 -10.53
CA LYS A 172 -6.34 -22.05 -11.30
C LYS A 172 -6.47 -20.88 -10.33
N PRO A 173 -6.13 -19.64 -10.76
CA PRO A 173 -6.21 -18.49 -9.85
C PRO A 173 -7.63 -18.27 -9.33
N LYS A 174 -7.74 -17.80 -8.09
CA LYS A 174 -9.04 -17.61 -7.45
C LYS A 174 -9.79 -16.39 -8.00
N TYR A 175 -9.04 -15.34 -8.34
CA TYR A 175 -9.64 -14.09 -8.81
C TYR A 175 -8.99 -13.66 -10.12
N ASP A 176 -9.67 -12.76 -10.83
CA ASP A 176 -9.11 -12.10 -12.01
C ASP A 176 -7.89 -11.27 -11.61
N ASN A 177 -7.04 -10.98 -12.58
CA ASN A 177 -5.86 -10.16 -12.33
C ASN A 177 -6.07 -8.71 -12.75
N ASP A 178 -6.76 -7.94 -11.91
CA ASP A 178 -7.04 -6.54 -12.20
C ASP A 178 -5.81 -5.67 -12.00
N TRP A 179 -4.98 -6.04 -11.01
CA TRP A 179 -3.93 -5.16 -10.55
C TRP A 179 -2.74 -5.86 -9.93
N ALA A 180 -1.67 -5.10 -9.75
CA ALA A 180 -0.48 -5.56 -9.06
C ALA A 180 0.13 -4.36 -8.35
N ARG A 181 0.68 -4.60 -7.17
CA ARG A 181 1.31 -3.53 -6.41
C ARG A 181 2.59 -3.99 -5.74
N LEU A 182 3.50 -3.04 -5.53
CA LEU A 182 4.73 -3.25 -4.78
C LEU A 182 4.81 -2.36 -3.55
N THR A 183 5.07 -2.97 -2.40
CA THR A 183 5.19 -2.23 -1.16
C THR A 183 6.60 -2.36 -0.66
N ALA A 184 7.25 -1.21 -0.47
CA ALA A 184 8.57 -1.16 0.12
C ALA A 184 8.48 -1.63 1.57
N MET A 185 9.46 -2.41 2.01
CA MET A 185 9.52 -2.83 3.40
C MET A 185 10.92 -2.68 3.98
N GLY A 186 11.88 -2.33 3.12
CA GLY A 186 13.25 -2.11 3.54
C GLY A 186 14.17 -1.77 2.40
N GLY A 187 15.25 -1.04 2.72
CA GLY A 187 16.25 -0.64 1.72
C GLY A 187 15.72 0.33 0.69
N PHE A 188 14.89 1.28 1.12
CA PHE A 188 14.39 2.33 0.25
C PHE A 188 14.70 3.69 0.84
N ARG A 189 15.42 4.50 0.07
CA ARG A 189 15.99 5.76 0.55
C ARG A 189 16.98 5.47 1.68
N GLU A 190 17.57 4.27 1.60
CA GLU A 190 18.57 3.79 2.54
C GLU A 190 19.26 2.59 1.89
N VAL A 191 20.40 2.21 2.45
CA VAL A 191 21.07 0.95 2.09
C VAL A 191 21.05 0.08 3.33
N GLY A 192 20.27 -1.00 3.28
CA GLY A 192 20.14 -1.85 4.45
C GLY A 192 19.21 -3.02 4.25
N ARG A 193 18.07 -2.98 4.91
CA ARG A 193 17.17 -4.13 4.99
C ARG A 193 16.36 -4.40 3.71
N SER A 194 17.03 -4.43 2.57
CA SER A 194 16.37 -4.63 1.28
C SER A 194 15.27 -5.69 1.33
N CYS A 195 14.02 -5.22 1.22
CA CYS A 195 12.87 -6.10 1.24
C CYS A 195 11.70 -5.46 0.50
N LEU A 196 11.19 -6.21 -0.46
CA LEU A 196 10.17 -5.71 -1.38
C LEU A 196 9.01 -6.70 -1.49
N TYR A 197 7.78 -6.19 -1.45
CA TYR A 197 6.59 -7.02 -1.30
C TYR A 197 5.61 -6.84 -2.46
N LEU A 198 5.49 -7.88 -3.27
CA LEU A 198 4.61 -7.88 -4.43
C LEU A 198 3.27 -8.51 -4.10
N GLN A 199 2.19 -7.82 -4.47
CA GLN A 199 0.84 -8.32 -4.22
C GLN A 199 0.03 -8.41 -5.50
N THR A 200 -0.64 -9.55 -5.67
CA THR A 200 -1.66 -9.74 -6.68
C THR A 200 -2.95 -10.00 -5.91
N PRO A 201 -4.11 -9.93 -6.58
CA PRO A 201 -5.31 -10.40 -5.91
C PRO A 201 -5.21 -11.88 -5.53
N ASN A 202 -4.20 -12.55 -6.08
CA ASN A 202 -4.01 -13.98 -5.84
C ASN A 202 -2.77 -14.33 -5.04
N SER A 203 -1.69 -13.59 -5.24
CA SER A 203 -0.39 -14.00 -4.69
C SER A 203 0.30 -12.92 -3.86
N ARG A 204 1.14 -13.38 -2.93
CA ARG A 204 1.92 -12.51 -2.06
C ARG A 204 3.37 -13.00 -2.08
N VAL A 205 4.26 -12.19 -2.64
CA VAL A 205 5.66 -12.59 -2.76
C VAL A 205 6.60 -11.52 -2.21
N LEU A 206 7.71 -11.98 -1.65
CA LEU A 206 8.71 -11.13 -1.03
C LEU A 206 9.98 -11.18 -1.86
N LEU A 207 10.39 -10.04 -2.39
CA LEU A 207 11.61 -9.93 -3.18
C LEU A 207 12.74 -9.41 -2.31
N ASP A 208 13.68 -10.29 -1.97
CA ASP A 208 14.73 -10.02 -0.97
C ASP A 208 14.14 -9.88 0.43
N CYS A 209 14.92 -10.31 1.43
CA CYS A 209 14.50 -10.19 2.81
C CYS A 209 15.72 -9.98 3.70
N GLY A 210 16.25 -8.77 3.67
CA GLY A 210 17.53 -8.50 4.32
C GLY A 210 17.49 -7.80 5.65
N VAL A 211 18.68 -7.44 6.12
CA VAL A 211 18.89 -6.85 7.43
C VAL A 211 19.95 -5.75 7.30
N ASN A 212 19.84 -4.71 8.11
CA ASN A 212 20.88 -3.70 8.18
C ASN A 212 21.96 -4.10 9.18
N VAL A 213 23.13 -4.45 8.65
CA VAL A 213 24.23 -4.98 9.44
C VAL A 213 24.79 -3.95 10.43
N ALA A 214 24.72 -2.67 10.06
CA ALA A 214 25.13 -1.58 10.93
C ALA A 214 24.52 -1.75 12.32
N GLY A 215 25.38 -1.78 13.34
CA GLY A 215 24.97 -2.07 14.71
C GLY A 215 24.15 -0.97 15.34
N GLY A 216 22.85 -0.98 15.04
CA GLY A 216 21.93 0.04 15.56
C GLY A 216 20.55 -0.51 15.92
N ASP A 217 19.64 0.42 16.23
CA ASP A 217 18.27 0.10 16.66
C ASP A 217 17.57 -0.96 15.83
N ASP A 218 16.72 -1.74 16.50
CA ASP A 218 15.85 -2.73 15.85
C ASP A 218 14.91 -2.04 14.86
N LYS A 219 14.49 -0.83 15.24
CA LYS A 219 13.64 0.03 14.42
C LYS A 219 14.34 0.42 13.11
N ASN A 220 15.63 0.16 13.03
CA ASN A 220 16.43 0.50 11.85
C ASN A 220 17.07 -0.69 11.18
N SER A 221 17.02 -1.85 11.84
CA SER A 221 17.78 -3.01 11.40
C SER A 221 16.96 -4.07 10.69
N TYR A 222 15.65 -4.06 10.88
CA TYR A 222 14.79 -5.11 10.32
C TYR A 222 13.74 -4.56 9.36
N PRO A 223 13.24 -5.39 8.42
CA PRO A 223 12.16 -4.95 7.52
C PRO A 223 10.84 -4.78 8.26
N TYR A 224 9.94 -3.98 7.71
CA TYR A 224 8.68 -3.70 8.38
C TYR A 224 7.65 -4.81 8.13
N LEU A 225 7.65 -5.81 9.01
CA LEU A 225 6.64 -6.87 8.96
C LEU A 225 5.34 -6.36 9.56
N ASN A 226 5.46 -5.41 10.48
CA ASN A 226 4.33 -4.76 11.15
C ASN A 226 3.43 -3.96 10.21
N VAL A 227 3.74 -3.96 8.92
CA VAL A 227 2.88 -3.39 7.89
C VAL A 227 1.57 -4.17 7.80
N PRO A 228 0.44 -3.45 7.72
CA PRO A 228 -0.90 -4.06 7.68
C PRO A 228 -1.04 -5.13 6.60
N GLU A 229 -0.49 -4.84 5.41
CA GLU A 229 -0.67 -5.69 4.24
C GLU A 229 0.05 -7.02 4.37
N PHE A 230 1.20 -7.00 5.03
CA PHE A 230 1.99 -8.21 5.16
C PHE A 230 1.51 -9.08 6.31
N THR A 231 1.01 -10.26 5.96
CA THR A 231 0.83 -11.34 6.93
C THR A 231 1.68 -12.52 6.47
N LEU A 232 2.15 -13.30 7.43
CA LEU A 232 3.05 -14.39 7.14
C LEU A 232 2.35 -15.55 6.45
N ASP A 233 1.09 -15.77 6.81
CA ASP A 233 0.32 -16.91 6.30
C ASP A 233 -0.03 -16.77 4.84
N SER A 234 -0.30 -15.53 4.42
CA SER A 234 -0.61 -15.22 3.03
C SER A 234 0.59 -15.37 2.10
N LEU A 235 1.80 -15.27 2.66
CA LEU A 235 3.02 -15.27 1.88
C LEU A 235 3.23 -16.55 1.08
N ASP A 236 3.34 -16.38 -0.24
CA ASP A 236 3.42 -17.50 -1.19
C ASP A 236 4.84 -17.91 -1.56
N ALA A 237 5.81 -17.01 -1.40
CA ALA A 237 7.19 -17.27 -1.79
C ALA A 237 8.13 -16.13 -1.43
N VAL A 238 9.38 -16.48 -1.16
CA VAL A 238 10.44 -15.48 -0.96
C VAL A 238 11.51 -15.69 -2.03
N ILE A 239 11.93 -14.59 -2.65
CA ILE A 239 12.96 -14.64 -3.69
C ILE A 239 14.23 -13.90 -3.22
N ILE A 240 15.38 -14.56 -3.29
CA ILE A 240 16.61 -13.97 -2.80
C ILE A 240 17.64 -13.78 -3.91
N THR A 241 17.82 -12.52 -4.30
CA THR A 241 18.71 -12.14 -5.39
C THR A 241 20.12 -12.68 -5.19
N HIS A 242 20.75 -12.27 -4.08
CA HIS A 242 22.07 -12.75 -3.76
C HIS A 242 22.24 -12.90 -2.27
N ALA A 243 23.33 -13.54 -1.87
CA ALA A 243 23.51 -13.97 -0.48
C ALA A 243 23.87 -12.90 0.57
N HIS A 244 24.23 -11.67 0.15
CA HIS A 244 24.54 -10.63 1.14
C HIS A 244 23.42 -10.47 2.17
N LEU A 245 23.80 -10.30 3.43
CA LEU A 245 22.81 -10.19 4.51
C LEU A 245 21.85 -8.99 4.32
N ASP A 246 22.31 -7.97 3.61
CA ASP A 246 21.47 -6.84 3.18
C ASP A 246 20.19 -7.29 2.52
N HIS A 247 20.27 -8.48 1.94
CA HIS A 247 19.26 -8.96 1.02
C HIS A 247 18.69 -10.30 1.46
N SER A 248 19.36 -10.94 2.42
CA SER A 248 19.05 -12.33 2.77
C SER A 248 19.04 -12.62 4.26
N GLY A 249 19.60 -11.71 5.04
CA GLY A 249 19.79 -11.94 6.47
C GLY A 249 18.55 -12.12 7.33
N PHE A 250 17.39 -11.68 6.84
CA PHE A 250 16.17 -11.76 7.64
C PHE A 250 15.37 -13.04 7.37
N LEU A 251 15.75 -13.75 6.31
CA LEU A 251 15.12 -15.00 5.97
C LEU A 251 14.96 -15.97 7.14
N PRO A 252 16.04 -16.22 7.91
CA PRO A 252 15.94 -17.20 9.00
C PRO A 252 14.98 -16.76 10.11
N TYR A 253 14.72 -15.45 10.18
CA TYR A 253 13.75 -14.92 11.14
C TYR A 253 12.35 -15.37 10.73
N LEU A 254 12.07 -15.31 9.43
CA LEU A 254 10.78 -15.72 8.89
C LEU A 254 10.45 -17.15 9.31
N TYR A 255 11.41 -18.04 9.15
CA TYR A 255 11.20 -19.44 9.51
C TYR A 255 11.04 -19.65 11.00
N HIS A 256 11.63 -18.75 11.80
CA HIS A 256 11.43 -18.76 13.25
C HIS A 256 10.03 -18.30 13.61
N TYR A 257 9.52 -17.34 12.84
CA TYR A 257 8.18 -16.81 13.09
C TYR A 257 7.09 -17.69 12.49
N GLY A 258 7.51 -18.76 11.80
CA GLY A 258 6.58 -19.81 11.37
C GLY A 258 6.20 -19.81 9.91
N TYR A 259 7.04 -19.24 9.06
CA TYR A 259 6.84 -19.33 7.62
C TYR A 259 7.04 -20.76 7.18
N ASP A 260 6.23 -21.19 6.21
CA ASP A 260 6.20 -22.59 5.82
C ASP A 260 6.38 -22.79 4.31
N GLY A 261 6.65 -21.71 3.59
CA GLY A 261 6.67 -21.75 2.14
C GLY A 261 8.04 -21.88 1.52
N PRO A 262 8.11 -21.71 0.19
CA PRO A 262 9.35 -21.88 -0.55
C PRO A 262 10.27 -20.66 -0.51
N VAL A 263 11.54 -20.88 -0.83
CA VAL A 263 12.51 -19.81 -1.12
C VAL A 263 13.16 -20.14 -2.45
N TYR A 264 13.28 -19.13 -3.33
CA TYR A 264 13.90 -19.32 -4.63
C TYR A 264 15.18 -18.50 -4.78
N CYS A 265 16.21 -19.14 -5.33
CA CYS A 265 17.48 -18.48 -5.61
C CYS A 265 18.42 -19.39 -6.39
N THR A 266 19.53 -18.83 -6.89
CA THR A 266 20.54 -19.61 -7.56
C THR A 266 21.23 -20.54 -6.56
N ALA A 267 21.77 -21.65 -7.06
CA ALA A 267 22.48 -22.60 -6.20
C ALA A 267 23.58 -21.93 -5.35
N PRO A 268 24.43 -21.08 -5.96
CA PRO A 268 25.46 -20.43 -5.14
C PRO A 268 24.83 -19.58 -4.04
N THR A 269 23.87 -18.73 -4.41
CA THR A 269 23.15 -17.91 -3.44
C THR A 269 22.76 -18.73 -2.20
N ARG A 270 22.09 -19.87 -2.41
CA ARG A 270 21.68 -20.71 -1.28
C ARG A 270 22.86 -21.12 -0.40
N ASP A 271 23.96 -21.49 -1.04
CA ASP A 271 25.16 -21.94 -0.35
C ASP A 271 25.78 -20.81 0.46
N LEU A 272 26.10 -19.71 -0.22
CA LEU A 272 26.74 -18.55 0.41
C LEU A 272 25.90 -17.98 1.55
N MET A 273 24.60 -17.88 1.29
CA MET A 273 23.59 -17.47 2.24
C MET A 273 23.75 -18.23 3.55
N THR A 274 23.70 -19.55 3.45
CA THR A 274 23.85 -20.43 4.59
C THR A 274 25.14 -20.14 5.35
N LEU A 275 26.24 -19.99 4.60
CA LEU A 275 27.53 -19.64 5.20
C LEU A 275 27.49 -18.33 5.96
N LEU A 276 26.89 -17.31 5.37
CA LEU A 276 26.86 -15.98 5.97
C LEU A 276 25.97 -15.94 7.21
N GLN A 277 24.82 -16.58 7.13
CA GLN A 277 23.89 -16.68 8.25
C GLN A 277 24.49 -17.45 9.42
N LEU A 278 25.21 -18.52 9.12
CA LEU A 278 25.84 -19.35 10.15
C LEU A 278 26.93 -18.62 10.90
N ASP A 279 27.68 -17.80 10.17
CA ASP A 279 28.72 -16.96 10.75
C ASP A 279 28.08 -15.91 11.65
N HIS A 280 26.93 -15.42 11.20
CA HIS A 280 26.16 -14.42 11.93
C HIS A 280 25.72 -14.94 13.30
N ILE A 281 25.62 -16.26 13.43
CA ILE A 281 25.34 -16.90 14.71
C ILE A 281 26.61 -16.95 15.55
N ASP A 282 27.73 -17.33 14.92
CA ASP A 282 29.01 -17.44 15.62
C ASP A 282 29.50 -16.11 16.18
N ILE A 283 29.20 -15.03 15.47
CA ILE A 283 29.54 -13.66 15.90
C ILE A 283 28.76 -13.27 17.17
N ALA A 284 27.47 -13.55 17.18
CA ALA A 284 26.61 -13.25 18.33
C ALA A 284 26.96 -14.11 19.54
N HIS A 285 27.25 -15.39 19.29
CA HIS A 285 27.67 -16.33 20.33
C HIS A 285 29.04 -15.94 20.90
N ARG A 286 29.83 -15.27 20.07
CA ARG A 286 31.16 -14.80 20.43
C ARG A 286 31.12 -13.57 21.34
N GLU A 287 30.22 -12.63 21.03
CA GLU A 287 30.12 -11.37 21.76
C GLU A 287 29.09 -11.41 22.90
N ASP A 288 28.46 -12.57 23.09
CA ASP A 288 27.34 -12.75 24.04
C ASP A 288 26.19 -11.80 23.75
N GLU A 289 25.63 -11.92 22.55
CA GLU A 289 24.52 -11.08 22.11
C GLU A 289 23.31 -11.94 21.80
N PRO A 290 22.11 -11.52 22.25
CA PRO A 290 20.92 -12.34 22.03
C PRO A 290 20.45 -12.30 20.56
N LEU A 291 20.78 -13.34 19.81
CA LEU A 291 20.27 -13.48 18.46
C LEU A 291 18.99 -14.33 18.50
N PRO A 292 17.96 -13.91 17.74
CA PRO A 292 16.69 -14.65 17.71
C PRO A 292 16.77 -16.06 17.08
N PHE A 293 17.37 -16.17 15.89
CA PHE A 293 17.38 -17.45 15.17
C PHE A 293 18.55 -18.39 15.50
N ASN A 294 18.20 -19.65 15.76
CA ASN A 294 19.17 -20.72 16.02
C ASN A 294 19.61 -21.35 14.70
N VAL A 295 20.47 -22.35 14.82
CA VAL A 295 20.96 -23.12 13.67
C VAL A 295 19.79 -23.82 12.97
N LYS A 296 18.81 -24.26 13.78
CA LYS A 296 17.62 -24.98 13.30
C LYS A 296 16.88 -24.24 12.20
N HIS A 297 16.77 -22.92 12.35
CA HIS A 297 16.01 -22.09 11.43
C HIS A 297 16.67 -21.95 10.06
N VAL A 298 17.99 -21.99 10.05
CA VAL A 298 18.74 -22.03 8.81
C VAL A 298 18.44 -23.35 8.09
N LYS A 299 18.43 -24.46 8.85
CA LYS A 299 18.12 -25.78 8.30
C LYS A 299 16.74 -25.81 7.65
N LYS A 300 15.72 -25.30 8.35
CA LYS A 300 14.38 -25.23 7.80
C LYS A 300 14.40 -24.44 6.49
N SER A 301 15.12 -23.31 6.51
CA SER A 301 15.30 -22.49 5.31
C SER A 301 15.83 -23.32 4.14
N VAL A 302 16.83 -24.15 4.41
CA VAL A 302 17.46 -24.97 3.39
C VAL A 302 16.47 -25.97 2.79
N LYS A 303 15.69 -26.61 3.65
CA LYS A 303 14.71 -27.60 3.20
C LYS A 303 13.70 -26.98 2.24
N HIS A 304 13.33 -25.73 2.49
CA HIS A 304 12.32 -25.06 1.68
C HIS A 304 12.90 -24.25 0.54
N THR A 305 14.21 -24.37 0.33
CA THR A 305 14.87 -23.63 -0.74
C THR A 305 14.83 -24.42 -2.04
N ILE A 306 14.42 -23.73 -3.10
CA ILE A 306 14.42 -24.30 -4.45
C ILE A 306 15.44 -23.58 -5.34
N THR A 307 16.51 -24.31 -5.64
CA THR A 307 17.61 -23.84 -6.47
C THR A 307 17.17 -23.66 -7.92
N LEU A 308 17.55 -22.53 -8.52
CA LEU A 308 17.22 -22.23 -9.91
C LEU A 308 18.43 -21.78 -10.73
N ASP A 309 18.54 -22.30 -11.96
CA ASP A 309 19.55 -21.87 -12.91
C ASP A 309 19.16 -20.53 -13.52
N TYR A 310 20.15 -19.76 -13.98
CA TYR A 310 19.87 -18.55 -14.74
C TYR A 310 19.05 -18.94 -15.96
N GLY A 311 18.10 -18.09 -16.34
CA GLY A 311 17.28 -18.32 -17.52
C GLY A 311 16.18 -19.38 -17.40
N GLU A 312 16.17 -20.11 -16.29
CA GLU A 312 15.22 -21.22 -16.06
C GLU A 312 13.85 -20.70 -15.64
N VAL A 313 12.88 -20.78 -16.56
CA VAL A 313 11.54 -20.24 -16.33
C VAL A 313 10.76 -21.09 -15.32
N THR A 314 10.27 -20.45 -14.27
CA THR A 314 9.69 -21.18 -13.15
C THR A 314 8.29 -20.69 -12.71
N ASP A 315 7.33 -21.61 -12.70
CA ASP A 315 6.00 -21.32 -12.15
C ASP A 315 6.07 -21.34 -10.62
N ILE A 316 5.88 -20.19 -9.99
CA ILE A 316 5.94 -20.14 -8.53
C ILE A 316 4.59 -19.83 -7.89
N ALA A 317 3.63 -19.39 -8.71
CA ALA A 317 2.27 -19.09 -8.27
C ALA A 317 1.31 -19.23 -9.45
N PRO A 318 0.01 -19.47 -9.18
CA PRO A 318 -0.97 -19.62 -10.26
C PRO A 318 -0.91 -18.52 -11.33
N ASP A 319 -0.38 -17.36 -10.96
CA ASP A 319 -0.33 -16.22 -11.88
C ASP A 319 1.05 -15.59 -11.99
N ILE A 320 2.09 -16.28 -11.50
CA ILE A 320 3.45 -15.74 -11.52
C ILE A 320 4.50 -16.74 -12.03
N ARG A 321 5.16 -16.37 -13.12
CA ARG A 321 6.34 -17.09 -13.60
C ARG A 321 7.56 -16.28 -13.22
N LEU A 322 8.56 -16.94 -12.66
CA LEU A 322 9.80 -16.29 -12.27
C LEU A 322 10.92 -16.75 -13.18
N THR A 323 11.79 -15.81 -13.55
CA THR A 323 13.05 -16.12 -14.22
C THR A 323 14.19 -15.34 -13.60
N LEU A 324 15.29 -16.03 -13.34
CA LEU A 324 16.48 -15.42 -12.79
C LEU A 324 17.50 -15.15 -13.87
N HIS A 325 18.00 -13.93 -13.91
CA HIS A 325 19.04 -13.54 -14.85
C HIS A 325 20.26 -13.04 -14.10
N ASN A 326 21.43 -13.32 -14.66
CA ASN A 326 22.69 -12.94 -14.04
C ASN A 326 22.76 -11.46 -13.66
N ALA A 327 22.98 -11.20 -12.38
CA ALA A 327 23.18 -9.84 -11.87
C ALA A 327 24.65 -9.40 -11.91
N GLY A 328 25.56 -10.37 -11.91
CA GLY A 328 27.00 -10.12 -11.96
C GLY A 328 27.52 -9.17 -10.89
N HIS A 329 27.14 -9.42 -9.65
CA HIS A 329 27.52 -8.59 -8.50
C HIS A 329 28.31 -9.45 -7.52
N ILE A 330 27.90 -10.70 -7.42
CA ILE A 330 28.44 -11.64 -6.48
C ILE A 330 28.16 -13.01 -7.09
N LEU A 331 28.92 -14.03 -6.69
CA LEU A 331 28.66 -15.37 -7.24
C LEU A 331 27.19 -15.76 -7.06
N GLY A 332 26.55 -16.10 -8.17
CA GLY A 332 25.14 -16.51 -8.15
C GLY A 332 24.15 -15.37 -8.01
N SER A 333 24.62 -14.13 -7.98
CA SER A 333 23.73 -12.97 -7.92
C SER A 333 22.78 -12.97 -9.11
N ALA A 334 21.53 -12.62 -8.86
CA ALA A 334 20.51 -12.72 -9.89
C ALA A 334 19.52 -11.59 -9.82
N MET A 335 18.94 -11.29 -10.99
CA MET A 335 17.85 -10.35 -11.13
C MET A 335 16.58 -11.16 -11.31
N ALA A 336 15.48 -10.69 -10.74
CA ALA A 336 14.22 -11.40 -10.88
C ALA A 336 13.32 -10.75 -11.93
N HIS A 337 13.04 -11.50 -12.98
CA HIS A 337 12.01 -11.12 -13.93
C HIS A 337 10.76 -11.88 -13.55
N LEU A 338 9.66 -11.16 -13.39
CA LEU A 338 8.40 -11.77 -12.99
C LEU A 338 7.36 -11.60 -14.08
N HIS A 339 6.89 -12.71 -14.62
CA HIS A 339 5.81 -12.71 -15.60
C HIS A 339 4.51 -12.81 -14.81
N ILE A 340 3.70 -11.75 -14.86
CA ILE A 340 2.46 -11.70 -14.06
C ILE A 340 1.18 -11.80 -14.91
N GLY A 341 0.35 -12.79 -14.57
CA GLY A 341 -0.95 -12.97 -15.20
C GLY A 341 -0.87 -13.24 -16.69
N ASP A 342 -1.36 -12.28 -17.48
CA ASP A 342 -1.37 -12.35 -18.94
C ASP A 342 -0.06 -11.83 -19.55
N GLY A 343 0.82 -11.32 -18.70
CA GLY A 343 2.17 -10.91 -19.12
C GLY A 343 2.28 -9.45 -19.53
N GLN A 344 1.15 -8.82 -19.80
CA GLN A 344 1.09 -7.45 -20.30
C GLN A 344 1.77 -6.40 -19.39
N HIS A 345 2.06 -6.77 -18.14
CA HIS A 345 2.63 -5.83 -17.17
C HIS A 345 3.76 -6.42 -16.31
N ASN A 346 4.71 -7.09 -16.95
CA ASN A 346 5.82 -7.73 -16.25
C ASN A 346 6.82 -6.77 -15.61
N MET A 347 7.52 -7.24 -14.59
CA MET A 347 8.50 -6.42 -13.90
C MET A 347 9.85 -7.12 -13.77
N VAL A 348 10.89 -6.32 -13.54
CA VAL A 348 12.22 -6.81 -13.22
C VAL A 348 12.80 -6.10 -11.99
N TYR A 349 13.26 -6.90 -11.04
CA TYR A 349 14.01 -6.42 -9.89
C TYR A 349 15.47 -6.78 -10.09
N THR A 350 16.36 -5.81 -9.94
CA THR A 350 17.78 -6.00 -10.18
C THR A 350 18.48 -6.63 -8.98
N GLY A 351 18.14 -6.15 -7.79
CA GLY A 351 18.97 -6.39 -6.60
C GLY A 351 20.26 -5.63 -6.78
N ASP A 352 21.29 -6.02 -6.04
CA ASP A 352 22.63 -5.46 -6.27
C ASP A 352 23.12 -6.01 -7.61
N PHE A 353 23.61 -5.12 -8.48
CA PHE A 353 24.12 -5.53 -9.79
C PHE A 353 25.26 -4.65 -10.31
N LYS A 354 25.99 -5.18 -11.29
CA LYS A 354 27.07 -4.45 -11.95
C LYS A 354 27.01 -4.67 -13.45
N TYR A 355 26.98 -3.56 -14.20
CA TYR A 355 26.86 -3.64 -15.66
C TYR A 355 28.23 -3.49 -16.30
N GLU A 356 29.14 -4.37 -15.89
CA GLU A 356 30.50 -4.42 -16.42
C GLU A 356 31.09 -5.78 -16.06
N GLN A 357 31.73 -6.42 -17.04
CA GLN A 357 32.42 -7.67 -16.78
C GLN A 357 33.56 -7.44 -15.81
N SER A 358 33.61 -8.24 -14.76
CA SER A 358 34.71 -8.21 -13.82
C SER A 358 35.62 -9.38 -14.10
N ARG A 359 36.74 -9.47 -13.38
CA ARG A 359 37.63 -10.61 -13.50
C ARG A 359 36.96 -11.92 -13.04
N LEU A 360 35.92 -11.80 -12.22
CA LEU A 360 35.26 -12.95 -11.63
C LEU A 360 33.93 -13.28 -12.31
N LEU A 361 33.22 -12.26 -12.76
CA LEU A 361 31.85 -12.44 -13.20
C LEU A 361 31.53 -11.77 -14.53
N GLU A 362 30.51 -12.31 -15.21
CA GLU A 362 29.99 -11.74 -16.45
C GLU A 362 29.09 -10.57 -16.15
N ALA A 363 29.19 -9.51 -16.94
CA ALA A 363 28.32 -8.34 -16.81
C ALA A 363 26.85 -8.73 -16.63
N ALA A 364 26.11 -7.91 -15.88
CA ALA A 364 24.68 -8.10 -15.66
C ALA A 364 23.91 -8.20 -16.97
N ALA A 365 22.84 -8.99 -16.94
CA ALA A 365 21.98 -9.17 -18.10
C ALA A 365 21.22 -7.90 -18.44
N ASN A 366 20.83 -7.75 -19.71
CA ASN A 366 20.05 -6.59 -20.12
C ASN A 366 19.02 -6.92 -21.21
N ARG A 367 18.90 -8.20 -21.53
CA ARG A 367 17.86 -8.68 -22.45
C ARG A 367 16.85 -9.57 -21.70
N PHE A 368 15.57 -9.22 -21.82
CA PHE A 368 14.47 -9.85 -21.08
C PHE A 368 13.25 -10.00 -21.97
N PRO A 369 12.33 -10.92 -21.62
CA PRO A 369 10.99 -10.87 -22.20
C PRO A 369 10.30 -9.55 -21.83
N ARG A 370 9.06 -9.35 -22.30
CA ARG A 370 8.35 -8.08 -22.11
C ARG A 370 8.45 -7.57 -20.68
N ILE A 371 8.68 -6.26 -20.57
CA ILE A 371 8.87 -5.61 -19.29
C ILE A 371 8.13 -4.28 -19.25
N GLU A 372 7.39 -4.07 -18.18
CA GLU A 372 6.61 -2.85 -17.99
C GLU A 372 7.35 -1.97 -16.98
N THR A 373 7.77 -2.58 -15.88
CA THR A 373 8.36 -1.86 -14.77
C THR A 373 9.74 -2.41 -14.45
N LEU A 374 10.65 -1.51 -14.08
CA LEU A 374 12.00 -1.89 -13.66
C LEU A 374 12.29 -1.33 -12.29
N VAL A 375 12.74 -2.21 -11.40
CA VAL A 375 13.14 -1.81 -10.05
C VAL A 375 14.65 -2.00 -9.89
N MET A 376 15.40 -0.90 -9.85
CA MET A 376 16.85 -0.99 -9.77
C MET A 376 17.44 -0.31 -8.54
N GLU A 377 18.58 -0.84 -8.08
CA GLU A 377 19.35 -0.22 -7.00
C GLU A 377 19.92 1.12 -7.46
N SER A 378 20.29 1.97 -6.52
CA SER A 378 20.91 3.25 -6.88
C SER A 378 22.07 3.59 -5.95
N THR A 379 22.79 2.57 -5.48
CA THR A 379 23.86 2.73 -4.50
C THR A 379 24.77 3.90 -4.81
N TYR A 380 25.44 3.83 -5.97
CA TYR A 380 26.29 4.91 -6.42
C TYR A 380 25.56 5.84 -7.41
N GLY A 381 24.32 6.18 -7.08
CA GLY A 381 23.54 7.14 -7.86
C GLY A 381 24.05 8.56 -7.62
N GLY A 382 23.47 9.53 -8.31
CA GLY A 382 23.90 10.91 -8.15
C GLY A 382 25.18 11.19 -8.91
N HIS A 383 25.21 12.35 -9.58
CA HIS A 383 26.26 12.68 -10.55
C HIS A 383 27.69 12.53 -10.02
N GLU A 384 27.87 12.86 -8.74
CA GLU A 384 29.19 12.85 -8.11
C GLU A 384 29.81 11.44 -7.89
N ASP A 385 29.18 10.41 -8.47
CA ASP A 385 29.58 9.03 -8.17
C ASP A 385 30.11 8.21 -9.35
N VAL A 386 30.79 8.88 -10.27
CA VAL A 386 31.46 8.20 -11.37
C VAL A 386 32.74 7.57 -10.83
N GLN A 387 32.86 6.25 -10.95
CA GLN A 387 34.06 5.54 -10.53
C GLN A 387 35.12 5.57 -11.63
N PRO A 388 36.42 5.60 -11.25
CA PRO A 388 37.52 5.50 -12.21
C PRO A 388 37.58 4.13 -12.90
N SER A 389 38.31 4.08 -14.03
CA SER A 389 38.45 2.86 -14.80
C SER A 389 39.16 1.77 -14.02
N ARG A 390 38.78 0.53 -14.26
CA ARG A 390 39.40 -0.65 -13.66
C ARG A 390 40.93 -0.56 -13.65
N ASN A 391 41.49 -0.16 -14.79
CA ASN A 391 42.93 0.03 -14.94
C ASN A 391 43.50 1.01 -13.89
N ARG A 392 42.91 2.20 -13.81
CA ARG A 392 43.35 3.23 -12.88
C ARG A 392 43.17 2.77 -11.43
N ALA A 393 42.04 2.11 -11.17
CA ALA A 393 41.79 1.53 -9.87
C ALA A 393 42.91 0.57 -9.48
N GLU A 394 43.41 -0.19 -10.45
CA GLU A 394 44.45 -1.17 -10.19
C GLU A 394 45.81 -0.54 -9.89
N LYS A 395 46.22 0.44 -10.70
CA LYS A 395 47.46 1.19 -10.45
C LYS A 395 47.49 1.80 -9.05
N GLU A 396 46.35 2.37 -8.65
CA GLU A 396 46.20 3.04 -7.36
C GLU A 396 46.52 2.11 -6.20
N LEU A 397 45.98 0.90 -6.27
CA LEU A 397 46.18 -0.12 -5.24
C LEU A 397 47.66 -0.48 -5.14
N VAL A 398 48.25 -0.82 -6.27
CA VAL A 398 49.66 -1.17 -6.35
C VAL A 398 50.51 -0.12 -5.65
N LYS A 399 50.24 1.15 -5.98
CA LYS A 399 50.97 2.28 -5.42
C LYS A 399 50.89 2.26 -3.89
N THR A 400 49.67 2.17 -3.36
CA THR A 400 49.45 2.15 -1.92
C THR A 400 50.22 1.02 -1.24
N ILE A 401 50.11 -0.18 -1.79
CA ILE A 401 50.76 -1.35 -1.22
C ILE A 401 52.28 -1.22 -1.23
N TYR A 402 52.83 -0.83 -2.37
CA TYR A 402 54.25 -0.59 -2.48
C TYR A 402 54.70 0.40 -1.41
N SER A 403 53.95 1.48 -1.24
CA SER A 403 54.24 2.53 -0.27
C SER A 403 54.33 1.97 1.15
N THR A 404 53.32 1.20 1.54
CA THR A 404 53.26 0.57 2.84
C THR A 404 54.41 -0.39 3.01
N LEU A 405 54.61 -1.25 2.01
CA LEU A 405 55.67 -2.25 2.04
C LEU A 405 57.04 -1.61 2.21
N ARG A 406 57.27 -0.49 1.53
CA ARG A 406 58.51 0.28 1.65
C ARG A 406 58.65 0.91 3.03
N ARG A 407 57.52 1.27 3.64
CA ARG A 407 57.51 1.78 5.02
C ARG A 407 57.75 0.65 6.01
N GLY A 408 57.59 -0.59 5.53
CA GLY A 408 57.78 -1.78 6.34
C GLY A 408 56.53 -2.18 7.11
N GLY A 409 55.37 -1.68 6.66
CA GLY A 409 54.11 -1.95 7.34
C GLY A 409 53.25 -3.04 6.69
N LYS A 410 52.05 -3.20 7.24
CA LYS A 410 51.06 -4.15 6.74
C LYS A 410 49.89 -3.41 6.11
N ILE A 411 49.19 -4.06 5.18
CA ILE A 411 47.99 -3.50 4.57
C ILE A 411 46.73 -4.29 4.96
N LEU A 412 45.83 -3.63 5.68
CA LEU A 412 44.58 -4.26 6.09
C LEU A 412 43.47 -3.85 5.15
N ILE A 413 42.83 -4.84 4.54
CA ILE A 413 41.69 -4.61 3.68
C ILE A 413 40.53 -5.38 4.26
N PRO A 414 39.55 -4.67 4.85
CA PRO A 414 38.41 -5.34 5.45
C PRO A 414 37.37 -5.64 4.40
N VAL A 415 36.95 -6.91 4.32
CA VAL A 415 36.03 -7.36 3.29
C VAL A 415 34.98 -8.34 3.82
N PHE A 416 33.82 -8.36 3.17
CA PHE A 416 32.86 -9.42 3.41
C PHE A 416 33.33 -10.74 2.80
N ALA A 417 33.06 -11.82 3.51
CA ALA A 417 33.45 -13.19 3.13
C ALA A 417 33.27 -13.45 1.64
N VAL A 418 32.23 -12.88 1.06
CA VAL A 418 32.07 -12.86 -0.39
C VAL A 418 31.67 -11.48 -0.88
N GLY A 419 32.43 -10.98 -1.84
CA GLY A 419 32.22 -9.67 -2.40
C GLY A 419 33.50 -9.27 -3.09
N ARG A 420 34.09 -8.18 -2.63
CA ARG A 420 35.33 -7.66 -3.20
C ARG A 420 36.48 -8.62 -3.00
N ALA A 421 36.39 -9.43 -1.93
CA ALA A 421 37.43 -10.38 -1.55
C ALA A 421 37.96 -11.20 -2.72
N GLN A 422 37.04 -11.84 -3.43
CA GLN A 422 37.42 -12.74 -4.51
C GLN A 422 38.01 -11.97 -5.67
N GLU A 423 37.37 -10.86 -6.04
CA GLU A 423 37.87 -9.98 -7.07
C GLU A 423 39.27 -9.51 -6.73
N LEU A 424 39.47 -9.14 -5.46
CA LEU A 424 40.77 -8.74 -4.97
C LEU A 424 41.81 -9.85 -5.04
N MET A 425 41.38 -11.07 -4.76
CA MET A 425 42.31 -12.19 -4.73
C MET A 425 42.85 -12.53 -6.11
N ILE A 426 42.00 -12.44 -7.12
CA ILE A 426 42.41 -12.68 -8.50
C ILE A 426 43.49 -11.69 -8.89
N VAL A 427 43.25 -10.41 -8.62
CA VAL A 427 44.16 -9.35 -9.02
C VAL A 427 45.49 -9.38 -8.25
N LEU A 428 45.42 -9.61 -6.93
CA LEU A 428 46.61 -9.68 -6.10
C LEU A 428 47.51 -10.86 -6.48
N GLU A 429 46.90 -12.04 -6.62
CA GLU A 429 47.63 -13.24 -7.00
C GLU A 429 48.46 -12.94 -8.24
N GLU A 430 47.80 -12.40 -9.25
CA GLU A 430 48.44 -12.10 -10.53
C GLU A 430 49.57 -11.10 -10.35
N TYR A 431 49.29 -9.97 -9.71
CA TYR A 431 50.27 -8.90 -9.56
C TYR A 431 51.51 -9.29 -8.74
N ILE A 432 51.34 -10.19 -7.78
CA ILE A 432 52.45 -10.69 -6.99
C ILE A 432 53.26 -11.71 -7.79
N ARG A 433 52.58 -12.73 -8.30
CA ARG A 433 53.20 -13.78 -9.11
C ARG A 433 53.99 -13.20 -10.29
N THR A 434 53.46 -12.15 -10.90
CA THR A 434 54.12 -11.43 -11.99
C THR A 434 55.28 -10.55 -11.49
N GLY A 435 55.25 -10.17 -10.22
CA GLY A 435 56.31 -9.36 -9.65
C GLY A 435 56.06 -7.87 -9.76
N ILE A 436 54.83 -7.52 -10.12
CA ILE A 436 54.37 -6.13 -10.12
C ILE A 436 54.29 -5.65 -8.67
N ILE A 437 53.92 -6.55 -7.77
CA ILE A 437 54.02 -6.33 -6.33
C ILE A 437 55.08 -7.26 -5.74
N ASP A 438 55.81 -6.77 -4.73
CA ASP A 438 56.87 -7.55 -4.06
C ASP A 438 56.32 -8.81 -3.40
N GLU A 439 57.05 -9.91 -3.55
CA GLU A 439 56.62 -11.20 -3.01
C GLU A 439 56.42 -11.08 -1.49
N VAL A 440 55.16 -11.14 -1.09
CA VAL A 440 54.73 -10.92 0.27
C VAL A 440 53.54 -11.83 0.56
N PRO A 441 53.46 -12.40 1.78
CA PRO A 441 52.32 -13.27 2.10
C PRO A 441 50.99 -12.52 2.14
N VAL A 442 49.94 -13.13 1.59
CA VAL A 442 48.59 -12.57 1.69
C VAL A 442 47.71 -13.48 2.56
N TYR A 443 47.29 -12.95 3.70
CA TYR A 443 46.52 -13.70 4.67
C TYR A 443 45.02 -13.53 4.46
N ILE A 444 44.28 -14.61 4.74
CA ILE A 444 42.86 -14.68 4.40
C ILE A 444 42.05 -15.41 5.47
N ASP A 445 40.98 -14.76 5.93
CA ASP A 445 40.10 -15.33 6.95
C ASP A 445 39.45 -16.59 6.44
N GLY A 446 39.32 -17.56 7.34
CA GLY A 446 38.65 -18.82 7.02
C GLY A 446 37.36 -18.60 6.25
N MET A 447 36.62 -17.58 6.65
CA MET A 447 35.37 -17.23 6.02
C MET A 447 35.49 -17.01 4.52
N ILE A 448 36.41 -16.16 4.11
CA ILE A 448 36.66 -15.92 2.70
C ILE A 448 37.05 -17.23 2.03
N TRP A 449 38.06 -17.88 2.61
CA TRP A 449 38.55 -19.16 2.11
C TRP A 449 37.39 -20.10 1.79
N GLU A 450 36.55 -20.31 2.79
CA GLU A 450 35.38 -21.18 2.69
C GLU A 450 34.42 -20.74 1.58
N ALA A 451 34.32 -19.43 1.36
CA ALA A 451 33.50 -18.91 0.27
C ALA A 451 34.15 -19.18 -1.08
N ASN A 452 35.46 -19.07 -1.13
CA ASN A 452 36.21 -19.39 -2.35
C ASN A 452 35.98 -20.82 -2.78
N ALA A 453 35.95 -21.72 -1.80
CA ALA A 453 35.66 -23.12 -2.04
C ALA A 453 34.36 -23.26 -2.81
N ILE A 454 33.33 -22.54 -2.36
CA ILE A 454 32.04 -22.53 -3.05
C ILE A 454 32.20 -22.06 -4.50
N HIS A 455 32.98 -21.00 -4.71
CA HIS A 455 33.24 -20.49 -6.05
C HIS A 455 33.71 -21.57 -7.03
N THR A 456 34.88 -22.13 -6.76
CA THR A 456 35.45 -23.21 -7.59
C THR A 456 34.52 -24.41 -7.74
N ALA A 457 33.52 -24.50 -6.86
CA ALA A 457 32.60 -25.64 -6.87
C ALA A 457 31.33 -25.38 -7.68
N ARG A 458 31.11 -24.10 -8.02
CA ARG A 458 29.99 -23.75 -8.90
C ARG A 458 30.53 -22.94 -10.06
N PRO A 459 31.46 -23.52 -10.84
CA PRO A 459 32.22 -22.76 -11.84
C PRO A 459 31.35 -22.17 -12.92
N GLU A 460 30.21 -22.81 -13.20
CA GLU A 460 29.27 -22.38 -14.23
C GLU A 460 28.72 -20.98 -13.97
N TYR A 461 28.82 -20.52 -12.72
CA TYR A 461 28.35 -19.21 -12.32
C TYR A 461 29.44 -18.14 -12.40
N LEU A 462 30.68 -18.58 -12.63
CA LEU A 462 31.80 -17.65 -12.83
C LEU A 462 31.84 -17.17 -14.27
N SER A 463 32.65 -16.14 -14.53
CA SER A 463 32.85 -15.67 -15.90
C SER A 463 33.50 -16.76 -16.74
N LYS A 464 33.06 -16.88 -17.99
CA LYS A 464 33.68 -17.82 -18.93
C LYS A 464 35.20 -17.70 -18.88
N ASP A 465 35.68 -16.46 -19.03
CA ASP A 465 37.10 -16.17 -19.02
C ASP A 465 37.83 -16.84 -17.85
N LEU A 466 37.30 -16.64 -16.64
CA LEU A 466 37.93 -17.19 -15.44
C LEU A 466 37.77 -18.70 -15.37
N ARG A 467 36.55 -19.17 -15.63
CA ARG A 467 36.23 -20.59 -15.55
C ARG A 467 37.18 -21.41 -16.42
N ASP A 468 37.35 -20.98 -17.66
CA ASP A 468 38.24 -21.66 -18.58
C ASP A 468 39.68 -21.57 -18.12
N GLN A 469 40.05 -20.45 -17.51
CA GLN A 469 41.38 -20.27 -16.94
C GLN A 469 41.71 -21.31 -15.86
N ILE A 470 40.71 -21.70 -15.08
CA ILE A 470 40.92 -22.66 -14.00
C ILE A 470 40.86 -24.10 -14.52
N PHE A 471 39.78 -24.44 -15.22
CA PHE A 471 39.48 -25.83 -15.54
C PHE A 471 39.99 -26.33 -16.88
N HIS A 472 40.51 -25.42 -17.70
CA HIS A 472 41.14 -25.80 -18.97
C HIS A 472 42.63 -25.48 -18.98
N MET A 473 43.01 -24.39 -18.32
CA MET A 473 44.37 -23.90 -18.33
C MET A 473 45.12 -24.25 -17.04
N GLY A 474 44.39 -24.68 -16.02
CA GLY A 474 44.99 -25.05 -14.74
C GLY A 474 45.72 -23.92 -14.03
N HIS A 475 45.16 -22.72 -14.08
CA HIS A 475 45.68 -21.58 -13.32
C HIS A 475 44.59 -21.14 -12.33
N ASN A 476 44.51 -21.83 -11.20
CA ASN A 476 43.51 -21.54 -10.17
C ASN A 476 44.10 -20.61 -9.11
N PRO A 477 43.67 -19.34 -9.11
CA PRO A 477 44.27 -18.36 -8.23
C PRO A 477 44.04 -18.67 -6.75
N PHE A 478 42.94 -19.35 -6.44
CA PHE A 478 42.55 -19.57 -5.05
C PHE A 478 43.39 -20.58 -4.29
N ILE A 479 44.17 -21.39 -5.01
CA ILE A 479 45.05 -22.39 -4.40
C ILE A 479 46.46 -21.83 -4.14
N SER A 480 46.83 -20.78 -4.87
CA SER A 480 48.18 -20.22 -4.84
C SER A 480 48.87 -20.21 -3.48
N ASP A 481 50.16 -20.57 -3.49
CA ASP A 481 50.99 -20.56 -2.28
C ASP A 481 51.08 -19.18 -1.65
N ILE A 482 50.79 -18.15 -2.45
CA ILE A 482 50.77 -16.75 -1.99
C ILE A 482 49.84 -16.60 -0.79
N PHE A 483 48.68 -17.25 -0.87
CA PHE A 483 47.69 -17.12 0.18
C PHE A 483 47.92 -18.08 1.34
N HIS A 484 47.56 -17.64 2.53
CA HIS A 484 47.67 -18.44 3.75
C HIS A 484 46.36 -18.32 4.53
N LYS A 485 45.69 -19.46 4.75
CA LYS A 485 44.45 -19.51 5.52
C LYS A 485 44.69 -19.08 6.96
N VAL A 486 43.77 -18.28 7.50
CA VAL A 486 43.90 -17.74 8.86
C VAL A 486 42.69 -18.10 9.71
N ASN A 487 42.95 -18.79 10.83
CA ASN A 487 41.94 -19.00 11.87
C ASN A 487 42.53 -19.08 13.26
N GLY A 488 41.90 -18.36 14.20
CA GLY A 488 42.40 -18.24 15.56
C GLY A 488 43.06 -16.90 15.78
N MET A 489 42.67 -16.24 16.87
CA MET A 489 43.27 -14.98 17.30
C MET A 489 44.72 -15.21 17.69
N ASP A 490 44.98 -16.42 18.21
CA ASP A 490 46.31 -16.88 18.56
C ASP A 490 47.27 -16.70 17.38
N GLU A 491 46.84 -17.16 16.21
CA GLU A 491 47.61 -17.02 14.98
C GLU A 491 47.75 -15.56 14.57
N ARG A 492 46.63 -14.83 14.57
CA ARG A 492 46.59 -13.42 14.15
C ARG A 492 47.58 -12.54 14.91
N ARG A 493 47.78 -12.85 16.20
CA ARG A 493 48.75 -12.15 17.02
C ARG A 493 50.12 -12.15 16.33
N GLU A 494 50.54 -13.31 15.87
CA GLU A 494 51.82 -13.45 15.17
C GLU A 494 51.86 -12.63 13.89
N ILE A 495 50.75 -12.63 13.16
CA ILE A 495 50.65 -11.95 11.87
C ILE A 495 50.96 -10.45 11.98
N VAL A 496 50.31 -9.77 12.91
CA VAL A 496 50.50 -8.33 13.09
C VAL A 496 51.89 -8.00 13.65
N GLU A 497 52.45 -8.92 14.44
CA GLU A 497 53.79 -8.76 15.01
C GLU A 497 54.89 -9.16 14.02
N GLY A 498 54.50 -9.77 12.91
CA GLY A 498 55.46 -10.33 11.95
C GLY A 498 55.96 -9.39 10.88
N GLU A 499 56.32 -9.96 9.73
CA GLU A 499 56.88 -9.21 8.62
C GLU A 499 55.80 -8.59 7.72
N PRO A 500 56.12 -7.45 7.06
CA PRO A 500 55.20 -6.73 6.18
C PRO A 500 54.42 -7.66 5.26
N SER A 501 53.10 -7.51 5.26
CA SER A 501 52.21 -8.41 4.53
C SER A 501 50.90 -7.73 4.18
N ILE A 502 50.01 -8.47 3.53
CA ILE A 502 48.66 -7.99 3.21
C ILE A 502 47.60 -8.87 3.88
N ILE A 503 46.61 -8.23 4.50
CA ILE A 503 45.57 -8.93 5.24
C ILE A 503 44.20 -8.70 4.64
N LEU A 504 43.49 -9.80 4.38
CA LEU A 504 42.08 -9.74 4.05
C LEU A 504 41.31 -10.36 5.22
N SER A 505 40.37 -9.60 5.79
CA SER A 505 39.63 -10.03 6.97
C SER A 505 38.16 -9.63 6.95
N THR A 506 37.35 -10.39 7.69
CA THR A 506 35.89 -10.34 7.60
C THR A 506 35.24 -9.13 8.28
N SER A 507 33.96 -8.92 7.95
CA SER A 507 33.20 -7.69 8.28
C SER A 507 33.66 -6.56 7.35
N GLY A 508 33.02 -6.49 6.19
CA GLY A 508 33.43 -5.60 5.10
C GLY A 508 33.65 -4.17 5.51
N MET A 509 32.62 -3.57 6.11
CA MET A 509 32.77 -2.30 6.80
C MET A 509 33.14 -2.71 8.20
N LEU A 510 34.06 -1.98 8.81
CA LEU A 510 34.68 -2.43 10.06
C LEU A 510 33.69 -2.50 11.20
N THR A 511 32.79 -3.48 11.13
CA THR A 511 31.79 -3.66 12.15
C THR A 511 31.99 -5.02 12.81
N GLY A 512 32.66 -5.02 13.95
CA GLY A 512 33.02 -6.26 14.66
C GLY A 512 33.87 -7.22 13.83
N GLY A 513 33.69 -8.52 14.08
CA GLY A 513 34.41 -9.56 13.37
C GLY A 513 35.91 -9.56 13.60
N ASN A 514 36.63 -10.17 12.68
CA ASN A 514 38.08 -10.30 12.79
C ASN A 514 38.81 -9.02 12.45
N SER A 515 38.40 -8.37 11.36
CA SER A 515 39.04 -7.14 10.87
C SER A 515 39.19 -6.09 11.96
N LEU A 516 38.21 -6.02 12.85
CA LEU A 516 38.23 -5.07 13.94
C LEU A 516 39.41 -5.33 14.88
N GLU A 517 39.70 -6.60 15.13
CA GLU A 517 40.80 -6.98 16.02
C GLU A 517 42.14 -6.66 15.40
N TYR A 518 42.27 -6.95 14.10
CA TYR A 518 43.43 -6.55 13.32
C TYR A 518 43.57 -5.04 13.43
N PHE A 519 42.46 -4.35 13.20
CA PHE A 519 42.42 -2.91 13.25
C PHE A 519 42.95 -2.36 14.56
N LYS A 520 42.47 -2.91 15.67
CA LYS A 520 42.96 -2.54 17.00
C LYS A 520 44.48 -2.60 17.04
N TRP A 521 45.03 -3.70 16.52
CA TRP A 521 46.47 -3.95 16.62
C TRP A 521 47.33 -3.05 15.72
N LEU A 522 46.76 -2.60 14.61
CA LEU A 522 47.54 -1.93 13.57
C LEU A 522 47.27 -0.44 13.43
N CYS A 523 46.16 0.03 13.97
CA CYS A 523 45.69 1.39 13.73
C CYS A 523 46.60 2.51 14.25
N GLU A 524 47.39 2.20 15.27
CA GLU A 524 48.19 3.22 15.94
C GLU A 524 49.58 3.46 15.33
N ASP A 525 49.88 2.71 14.27
CA ASP A 525 51.18 2.82 13.59
C ASP A 525 51.04 3.42 12.19
N PRO A 526 51.63 4.61 11.97
CA PRO A 526 51.60 5.37 10.71
C PRO A 526 52.19 4.62 9.52
N ASP A 527 53.02 3.60 9.78
CA ASP A 527 53.58 2.77 8.72
C ASP A 527 52.49 1.91 8.06
N ASN A 528 51.61 1.35 8.90
CA ASN A 528 50.49 0.55 8.42
C ASN A 528 49.49 1.40 7.64
N SER A 529 48.72 0.74 6.77
CA SER A 529 47.64 1.42 6.03
C SER A 529 46.38 0.57 5.87
N LEU A 530 45.22 1.22 6.00
CA LEU A 530 43.92 0.59 5.85
C LEU A 530 43.33 0.95 4.50
N VAL A 531 42.97 -0.07 3.72
CA VAL A 531 42.49 0.16 2.37
C VAL A 531 41.01 -0.18 2.21
N PHE A 532 40.25 0.83 1.78
CA PHE A 532 38.82 0.69 1.54
C PHE A 532 38.53 0.39 0.08
N VAL A 533 37.76 -0.66 -0.15
CA VAL A 533 37.47 -1.12 -1.51
C VAL A 533 35.97 -1.18 -1.77
N GLY A 534 35.21 -1.69 -0.80
CA GLY A 534 33.76 -1.81 -0.92
C GLY A 534 33.07 -0.54 -0.48
N TYR A 535 31.75 -0.51 -0.63
CA TYR A 535 30.93 0.61 -0.20
C TYR A 535 30.86 0.67 1.32
N GLN A 536 31.12 1.84 1.90
CA GLN A 536 31.00 2.02 3.34
C GLN A 536 29.66 2.67 3.67
N ALA A 537 28.72 1.85 4.16
CA ALA A 537 27.37 2.30 4.49
C ALA A 537 27.35 3.28 5.67
N GLU A 538 26.34 4.15 5.67
CA GLU A 538 26.14 5.10 6.77
C GLU A 538 25.81 4.37 8.06
N GLY A 539 26.43 4.81 9.15
CA GLY A 539 26.27 4.18 10.45
C GLY A 539 27.53 3.40 10.85
N SER A 540 27.92 2.48 9.97
CA SER A 540 29.10 1.62 10.14
C SER A 540 30.34 2.38 10.62
N LEU A 541 31.15 1.70 11.42
CA LEU A 541 32.43 2.24 11.84
C LEU A 541 33.34 2.48 10.63
N GLY A 542 33.25 1.59 9.65
CA GLY A 542 33.99 1.70 8.40
C GLY A 542 33.83 3.06 7.76
N ARG A 543 32.58 3.52 7.65
CA ARG A 543 32.29 4.84 7.11
C ARG A 543 32.79 5.94 8.04
N ARG A 544 32.60 5.75 9.34
CA ARG A 544 33.09 6.70 10.35
C ARG A 544 34.60 6.88 10.21
N ILE A 545 35.34 5.77 10.12
CA ILE A 545 36.79 5.79 9.86
C ILE A 545 37.10 6.51 8.56
N GLN A 546 36.42 6.09 7.49
CA GLN A 546 36.59 6.63 6.15
C GLN A 546 36.34 8.12 6.09
N LYS A 547 35.25 8.55 6.74
CA LYS A 547 34.85 9.96 6.77
C LYS A 547 35.87 10.81 7.54
N GLY A 548 36.82 10.14 8.20
CA GLY A 548 37.95 10.81 8.83
C GLY A 548 38.04 10.74 10.34
N TRP A 549 37.17 9.96 10.98
CA TRP A 549 37.15 9.80 12.44
C TRP A 549 38.40 9.08 12.93
N LYS A 550 39.11 9.68 13.89
CA LYS A 550 40.41 9.17 14.34
C LYS A 550 40.55 8.98 15.85
N GLU A 551 39.42 8.97 16.56
CA GLU A 551 39.40 8.75 18.01
C GLU A 551 38.30 7.75 18.38
N ILE A 552 38.63 6.46 18.34
CA ILE A 552 37.65 5.37 18.43
C ILE A 552 37.80 4.54 19.71
N PRO A 553 36.71 4.42 20.49
CA PRO A 553 36.74 3.65 21.74
C PRO A 553 36.31 2.20 21.57
N LEU A 554 37.12 1.28 22.09
CA LEU A 554 36.89 -0.16 21.91
C LEU A 554 37.35 -1.01 23.10
N LYS A 555 36.89 -2.25 23.14
CA LYS A 555 37.27 -3.22 24.18
C LYS A 555 38.76 -3.62 24.08
N ASP A 556 39.37 -3.81 25.25
CA ASP A 556 40.81 -3.99 25.38
C ASP A 556 41.26 -5.41 25.03
N GLU A 557 42.39 -5.80 25.60
CA GLU A 557 42.83 -7.20 25.63
C GLU A 557 41.80 -8.04 26.38
N ASP A 558 41.26 -7.47 27.46
CA ASP A 558 40.27 -8.12 28.30
C ASP A 558 38.87 -7.74 27.81
N ASP A 559 38.38 -6.61 28.31
CA ASP A 559 37.11 -6.02 27.87
C ASP A 559 37.02 -4.56 28.29
N LYS A 560 38.16 -4.02 28.76
CA LYS A 560 38.25 -2.63 29.21
C LYS A 560 38.16 -1.67 28.04
N MET A 561 37.41 -0.58 28.22
CA MET A 561 37.25 0.42 27.16
C MET A 561 38.52 1.25 27.02
N ARG A 562 39.03 1.30 25.80
CA ARG A 562 40.29 1.96 25.50
C ARG A 562 40.10 2.89 24.30
N VAL A 563 40.70 4.07 24.38
CA VAL A 563 40.64 5.06 23.30
C VAL A 563 41.79 4.81 22.33
N TYR A 564 41.45 4.68 21.05
CA TYR A 564 42.45 4.38 20.02
C TYR A 564 42.73 5.57 19.10
N ASN A 565 43.95 6.11 19.19
CA ASN A 565 44.37 7.25 18.38
C ASN A 565 44.94 6.82 17.03
N VAL A 566 44.05 6.72 16.04
CA VAL A 566 44.39 6.26 14.69
C VAL A 566 45.45 7.14 14.02
N ARG A 567 46.51 6.50 13.55
CA ARG A 567 47.62 7.21 12.91
C ARG A 567 48.00 6.53 11.61
N MET A 568 47.43 5.34 11.38
CA MET A 568 47.67 4.57 10.15
C MET A 568 47.11 5.31 8.93
N ASN A 569 47.63 4.97 7.76
CA ASN A 569 47.20 5.57 6.52
C ASN A 569 45.80 5.07 6.14
N ILE A 570 44.91 5.99 5.78
CA ILE A 570 43.57 5.62 5.34
C ILE A 570 43.40 5.93 3.85
N LYS A 571 43.21 4.89 3.05
CA LYS A 571 43.12 5.04 1.61
C LYS A 571 41.89 4.36 1.08
N THR A 572 41.07 5.12 0.38
CA THR A 572 39.91 4.58 -0.30
C THR A 572 40.26 4.41 -1.78
N ILE A 573 40.02 3.21 -2.30
CA ILE A 573 40.24 2.94 -3.71
C ILE A 573 38.91 2.81 -4.44
N GLU A 574 38.52 3.85 -5.16
CA GLU A 574 37.30 3.83 -5.94
C GLU A 574 37.50 3.05 -7.24
N GLY A 575 36.41 2.45 -7.74
CA GLY A 575 36.44 1.71 -9.00
C GLY A 575 36.57 0.20 -8.84
N PHE A 576 36.14 -0.30 -7.69
CA PHE A 576 36.25 -1.72 -7.38
C PHE A 576 34.97 -2.34 -6.84
N SER A 577 33.97 -1.50 -6.56
CA SER A 577 32.74 -1.95 -5.91
C SER A 577 31.96 -2.93 -6.78
N GLY A 578 31.11 -3.72 -6.13
CA GLY A 578 30.26 -4.70 -6.82
C GLY A 578 29.03 -4.06 -7.42
N HIS A 579 28.88 -2.76 -7.23
CA HIS A 579 27.73 -2.03 -7.73
C HIS A 579 28.15 -1.22 -8.93
N SER A 580 27.32 -1.22 -9.96
CA SER A 580 27.55 -0.39 -11.14
C SER A 580 27.48 1.09 -10.76
N ASP A 581 28.42 1.86 -11.29
CA ASP A 581 28.61 3.26 -10.90
C ASP A 581 27.52 4.15 -11.50
N ARG A 582 27.66 5.47 -11.30
CA ARG A 582 26.70 6.42 -11.82
C ARG A 582 26.48 6.31 -13.33
N ARG A 583 27.55 6.36 -14.11
CA ARG A 583 27.40 6.32 -15.56
C ARG A 583 26.88 4.97 -16.03
N GLN A 584 27.31 3.91 -15.36
CA GLN A 584 26.90 2.55 -15.69
C GLN A 584 25.42 2.34 -15.44
N LEU A 585 24.93 2.94 -14.35
CA LEU A 585 23.49 2.94 -14.06
C LEU A 585 22.71 3.60 -15.18
N MET A 586 23.19 4.77 -15.61
CA MET A 586 22.54 5.55 -16.67
C MET A 586 22.59 4.84 -18.02
N GLU A 587 23.71 4.19 -18.32
CA GLU A 587 23.85 3.39 -19.54
C GLU A 587 22.93 2.16 -19.50
N TYR A 588 22.76 1.57 -18.32
CA TYR A 588 21.91 0.40 -18.19
C TYR A 588 20.48 0.71 -18.57
N VAL A 589 20.06 1.95 -18.35
CA VAL A 589 18.71 2.35 -18.67
C VAL A 589 18.59 2.58 -20.18
N LYS A 590 19.62 3.18 -20.78
CA LYS A 590 19.67 3.40 -22.22
C LYS A 590 19.51 2.07 -22.95
N ARG A 591 20.29 1.08 -22.52
CA ARG A 591 20.31 -0.22 -23.15
C ARG A 591 19.59 -1.27 -22.31
N ILE A 592 18.34 -1.52 -22.66
CA ILE A 592 17.52 -2.54 -21.97
C ILE A 592 16.87 -3.42 -23.03
N SER A 593 16.22 -4.50 -22.61
CA SER A 593 15.57 -5.40 -23.56
C SER A 593 14.34 -4.76 -24.19
N PRO A 594 13.17 -4.82 -23.51
CA PRO A 594 12.15 -3.86 -23.88
C PRO A 594 12.37 -2.61 -23.04
N LYS A 595 12.13 -1.44 -23.62
CA LYS A 595 12.23 -0.19 -22.88
C LYS A 595 11.11 -0.14 -21.82
N PRO A 596 11.48 0.07 -20.54
CA PRO A 596 10.47 0.09 -19.48
C PRO A 596 9.69 1.40 -19.48
N GLU A 597 8.49 1.37 -18.91
CA GLU A 597 7.62 2.54 -18.87
C GLU A 597 7.52 3.16 -17.48
N LYS A 598 7.98 2.42 -16.47
CA LYS A 598 8.04 2.91 -15.10
C LYS A 598 9.32 2.40 -14.45
N ILE A 599 9.97 3.24 -13.65
CA ILE A 599 11.15 2.81 -12.90
C ILE A 599 11.02 3.13 -11.42
N LEU A 600 11.36 2.16 -10.57
CA LEU A 600 11.48 2.39 -9.14
C LEU A 600 12.94 2.32 -8.75
N LEU A 601 13.34 3.18 -7.82
CA LEU A 601 14.71 3.15 -7.32
C LEU A 601 14.77 2.82 -5.83
N CYS A 602 15.56 1.80 -5.52
CA CYS A 602 15.74 1.31 -4.16
C CYS A 602 17.23 1.23 -3.83
N HIS A 603 17.56 0.54 -2.73
CA HIS A 603 18.94 0.24 -2.35
C HIS A 603 19.86 1.43 -2.66
N GLY A 604 19.45 2.60 -2.21
CA GLY A 604 20.20 3.81 -2.51
C GLY A 604 20.02 4.89 -1.47
N ASP A 605 21.15 5.46 -1.05
CA ASP A 605 21.19 6.59 -0.13
C ASP A 605 20.21 7.68 -0.53
N ASN A 606 19.42 8.14 0.44
CA ASN A 606 18.40 9.17 0.25
C ASN A 606 18.67 10.15 -0.90
N TYR A 607 19.75 10.91 -0.78
CA TYR A 607 20.03 12.00 -1.70
C TYR A 607 20.53 11.58 -3.06
N LYS A 608 21.13 10.39 -3.13
CA LYS A 608 21.58 9.82 -4.39
C LYS A 608 20.38 9.29 -5.17
N THR A 609 19.38 8.80 -4.46
CA THR A 609 18.19 8.22 -5.07
C THR A 609 17.37 9.29 -5.79
N LEU A 610 17.11 10.41 -5.11
CA LEU A 610 16.39 11.52 -5.71
C LEU A 610 17.15 12.09 -6.90
N ASP A 611 18.48 12.13 -6.78
CA ASP A 611 19.38 12.66 -7.80
C ASP A 611 19.23 11.87 -9.10
N LEU A 612 19.34 10.55 -8.99
CA LEU A 612 19.22 9.68 -10.15
C LEU A 612 17.85 9.78 -10.79
N ALA A 613 16.81 9.79 -9.96
CA ALA A 613 15.42 9.88 -10.41
C ALA A 613 15.16 11.02 -11.40
N SER A 614 15.51 12.24 -11.02
CA SER A 614 15.34 13.38 -11.91
C SER A 614 16.22 13.23 -13.13
N SER A 615 17.44 12.74 -12.93
CA SER A 615 18.41 12.54 -13.99
C SER A 615 17.87 11.60 -15.06
N ILE A 616 17.38 10.44 -14.61
CA ILE A 616 16.78 9.48 -15.52
C ILE A 616 15.64 10.11 -16.30
N TYR A 617 14.72 10.75 -15.60
CA TYR A 617 13.54 11.33 -16.24
C TYR A 617 13.89 12.39 -17.28
N ARG A 618 14.70 13.37 -16.88
CA ARG A 618 15.01 14.49 -17.77
C ARG A 618 15.86 14.08 -18.97
N THR A 619 16.62 12.99 -18.84
CA THR A 619 17.46 12.51 -19.93
C THR A 619 16.81 11.37 -20.74
N TYR A 620 15.74 10.79 -20.22
CA TYR A 620 15.06 9.68 -20.92
C TYR A 620 13.53 9.79 -20.96
N ARG A 621 12.97 10.77 -20.26
CA ARG A 621 11.52 10.97 -20.17
C ARG A 621 10.75 9.70 -19.74
N ILE A 622 11.30 8.96 -18.77
CA ILE A 622 10.63 7.80 -18.21
C ILE A 622 10.25 8.07 -16.75
N GLU A 623 8.99 7.84 -16.41
CA GLU A 623 8.50 8.11 -15.06
C GLU A 623 9.22 7.21 -14.07
N THR A 624 9.98 7.81 -13.16
CA THR A 624 10.58 7.02 -12.08
C THR A 624 10.06 7.43 -10.71
N LYS A 625 9.60 6.44 -9.95
CA LYS A 625 9.11 6.64 -8.60
C LYS A 625 10.21 6.36 -7.58
N THR A 626 10.25 7.15 -6.51
CA THR A 626 11.22 6.97 -5.44
C THR A 626 10.52 6.83 -4.10
N PRO A 627 9.88 5.68 -3.87
CA PRO A 627 9.02 5.48 -2.71
C PRO A 627 9.82 5.52 -1.42
N LEU A 628 9.19 6.04 -0.36
CA LEU A 628 9.70 5.92 0.99
C LEU A 628 9.44 4.50 1.50
N ASN A 629 9.91 4.21 2.70
CA ASN A 629 10.00 2.83 3.16
C ASN A 629 8.68 2.10 3.41
N LEU A 630 7.59 2.83 3.65
CA LEU A 630 6.30 2.16 3.86
C LEU A 630 5.27 2.46 2.76
N GLU A 631 5.74 2.98 1.64
CA GLU A 631 4.86 3.42 0.57
C GLU A 631 4.62 2.29 -0.41
N THR A 632 3.56 2.40 -1.20
CA THR A 632 3.23 1.36 -2.18
C THR A 632 3.01 1.91 -3.59
N VAL A 633 3.61 1.25 -4.58
CA VAL A 633 3.48 1.65 -5.98
C VAL A 633 2.67 0.62 -6.76
N ARG A 634 1.76 1.11 -7.60
CA ARG A 634 0.97 0.24 -8.45
C ARG A 634 1.75 -0.13 -9.71
N ILE A 635 1.68 -1.40 -10.11
CA ILE A 635 2.32 -1.86 -11.34
C ILE A 635 1.32 -2.07 -12.47
N GLN A 636 0.12 -2.54 -12.12
CA GLN A 636 -0.88 -2.84 -13.12
C GLN A 636 -2.17 -2.04 -12.88
N VAL B 2 -14.23 -3.80 34.06
CA VAL B 2 -13.89 -3.91 32.62
C VAL B 2 -12.43 -3.53 32.35
N SER B 3 -12.10 -2.26 32.55
CA SER B 3 -10.75 -1.74 32.25
C SER B 3 -10.18 -0.81 33.32
N GLU B 4 -8.86 -0.88 33.50
CA GLU B 4 -8.15 -0.14 34.54
C GLU B 4 -7.87 1.31 34.16
N MET B 5 -7.49 1.53 32.90
CA MET B 5 -7.26 2.88 32.36
C MET B 5 -8.50 3.75 32.53
N LEU B 6 -9.68 3.16 32.33
CA LEU B 6 -10.95 3.85 32.50
C LEU B 6 -11.17 4.26 33.96
N GLU B 7 -11.12 3.29 34.86
CA GLU B 7 -11.37 3.50 36.29
C GLU B 7 -10.53 4.66 36.84
N GLU B 8 -9.30 4.76 36.35
CA GLU B 8 -8.38 5.82 36.74
C GLU B 8 -8.96 7.20 36.42
N ILE B 9 -9.46 7.37 35.19
CA ILE B 9 -10.10 8.61 34.79
C ILE B 9 -11.25 8.93 35.74
N LYS B 10 -12.15 7.95 35.92
CA LYS B 10 -13.32 8.11 36.80
C LYS B 10 -12.98 8.68 38.17
N ARG B 11 -11.90 8.17 38.78
CA ARG B 11 -11.46 8.68 40.08
C ARG B 11 -11.06 10.14 40.01
N THR B 12 -10.27 10.51 39.01
CA THR B 12 -9.80 11.89 38.84
C THR B 12 -10.96 12.85 38.61
N ILE B 13 -11.96 12.40 37.86
CA ILE B 13 -13.20 13.14 37.65
C ILE B 13 -13.87 13.42 38.98
N MET B 14 -14.06 12.37 39.78
CA MET B 14 -14.88 12.49 40.98
C MET B 14 -14.21 13.14 42.17
N GLN B 15 -12.89 12.99 42.28
CA GLN B 15 -12.15 13.67 43.33
C GLN B 15 -12.10 15.20 43.13
N ARG B 16 -12.48 15.65 41.95
CA ARG B 16 -12.53 17.07 41.64
C ARG B 16 -13.97 17.60 41.64
N LEU B 17 -14.89 16.77 42.11
CA LEU B 17 -16.32 17.10 42.18
C LEU B 17 -16.84 17.23 43.60
N PRO B 18 -17.71 18.23 43.86
CA PRO B 18 -18.32 18.44 45.17
C PRO B 18 -19.45 17.45 45.46
N GLU B 19 -19.72 17.25 46.76
CA GLU B 19 -20.82 16.39 47.21
C GLU B 19 -22.14 16.80 46.58
N ARG B 20 -22.31 18.11 46.33
CA ARG B 20 -23.51 18.68 45.74
C ARG B 20 -23.87 18.07 44.38
N VAL B 21 -22.84 17.70 43.63
CA VAL B 21 -23.07 16.93 42.41
C VAL B 21 -23.29 15.49 42.82
N GLN B 22 -24.55 15.11 42.99
CA GLN B 22 -24.89 13.77 43.44
C GLN B 22 -24.70 12.80 42.27
N VAL B 23 -23.45 12.40 42.07
CA VAL B 23 -23.06 11.61 40.91
C VAL B 23 -23.49 10.16 41.06
N ALA B 24 -24.32 9.70 40.12
CA ALA B 24 -24.80 8.33 40.10
C ALA B 24 -23.71 7.39 39.58
N LYS B 25 -23.19 7.72 38.40
CA LYS B 25 -22.15 6.92 37.73
C LYS B 25 -21.47 7.73 36.64
N VAL B 26 -20.32 7.24 36.17
CA VAL B 26 -19.63 7.85 35.03
C VAL B 26 -19.50 6.82 33.93
N GLU B 27 -19.99 7.16 32.73
CA GLU B 27 -19.95 6.24 31.60
C GLU B 27 -19.12 6.79 30.47
N PHE B 28 -18.49 5.89 29.72
CA PHE B 28 -17.79 6.26 28.50
C PHE B 28 -18.69 5.92 27.34
N GLU B 29 -19.27 6.94 26.72
CA GLU B 29 -20.25 6.72 25.67
C GLU B 29 -19.80 7.38 24.36
N GLY B 30 -19.22 6.57 23.50
CA GLY B 30 -18.60 7.06 22.28
C GLY B 30 -17.40 7.93 22.59
N PRO B 31 -17.26 9.06 21.87
CA PRO B 31 -16.15 9.99 22.06
C PRO B 31 -16.17 10.75 23.38
N GLU B 32 -17.24 10.63 24.14
CA GLU B 32 -17.43 11.48 25.33
C GLU B 32 -17.59 10.75 26.65
N VAL B 33 -17.21 11.45 27.72
CA VAL B 33 -17.34 10.94 29.08
C VAL B 33 -18.61 11.53 29.68
N VAL B 34 -19.51 10.67 30.12
CA VAL B 34 -20.81 11.12 30.58
C VAL B 34 -21.01 10.95 32.08
N ILE B 35 -21.30 12.07 32.73
CA ILE B 35 -21.61 12.09 34.15
C ILE B 35 -23.13 12.07 34.32
N TYR B 36 -23.62 11.03 34.98
CA TYR B 36 -25.02 10.95 35.35
C TYR B 36 -25.22 11.43 36.77
N THR B 37 -26.14 12.37 36.96
CA THR B 37 -26.39 12.94 38.30
C THR B 37 -27.81 12.66 38.78
N LYS B 38 -27.95 12.53 40.09
CA LYS B 38 -29.26 12.31 40.71
C LYS B 38 -29.95 13.64 41.03
N ASN B 39 -29.25 14.73 40.74
CA ASN B 39 -29.79 16.07 40.95
C ASN B 39 -29.83 16.85 39.62
N PRO B 40 -31.00 16.88 38.97
CA PRO B 40 -31.16 17.53 37.67
C PRO B 40 -30.84 19.02 37.71
N GLU B 41 -31.03 19.65 38.86
CA GLU B 41 -30.78 21.08 39.01
C GLU B 41 -29.32 21.46 38.71
N ILE B 42 -28.44 20.46 38.70
CA ILE B 42 -27.03 20.69 38.38
C ILE B 42 -26.82 20.85 36.88
N ILE B 43 -27.65 20.18 36.09
CA ILE B 43 -27.64 20.33 34.63
C ILE B 43 -27.77 21.81 34.25
N THR B 44 -28.67 22.48 34.95
CA THR B 44 -28.99 23.90 34.77
C THR B 44 -27.77 24.82 34.81
N GLU B 45 -26.99 24.71 35.90
CA GLU B 45 -25.80 25.53 36.08
C GLU B 45 -24.82 25.34 34.94
N ASN B 46 -24.30 26.44 34.42
CA ASN B 46 -23.24 26.39 33.42
C ASN B 46 -22.00 25.78 34.07
N GLY B 47 -21.87 24.47 33.94
CA GLY B 47 -20.84 23.66 34.60
C GLY B 47 -19.44 24.21 34.44
N ASN B 48 -19.14 25.27 35.18
CA ASN B 48 -17.87 25.96 35.13
C ASN B 48 -16.75 25.07 35.63
N LEU B 49 -17.05 24.29 36.67
CA LEU B 49 -16.11 23.32 37.21
C LEU B 49 -15.97 22.12 36.27
N ILE B 50 -17.07 21.71 35.67
CA ILE B 50 -17.09 20.61 34.70
C ILE B 50 -16.09 20.87 33.58
N ARG B 51 -16.28 21.99 32.89
CA ARG B 51 -15.42 22.39 31.77
C ARG B 51 -13.95 22.49 32.18
N ASP B 52 -13.70 22.91 33.42
CA ASP B 52 -12.35 22.96 33.99
C ASP B 52 -11.73 21.57 34.04
N ILE B 53 -12.50 20.61 34.56
CA ILE B 53 -12.08 19.21 34.62
C ILE B 53 -11.88 18.67 33.20
N ALA B 54 -12.80 19.02 32.31
CA ALA B 54 -12.72 18.64 30.90
C ALA B 54 -11.39 19.03 30.23
N LYS B 55 -11.00 20.29 30.36
CA LYS B 55 -9.74 20.76 29.80
C LYS B 55 -8.52 20.14 30.46
N ASP B 56 -8.61 19.91 31.76
CA ASP B 56 -7.50 19.35 32.53
C ASP B 56 -7.15 17.93 32.14
N ILE B 57 -8.15 17.13 31.76
CA ILE B 57 -7.93 15.76 31.31
C ILE B 57 -8.06 15.63 29.79
N ARG B 58 -8.35 16.75 29.14
CA ARG B 58 -8.48 16.80 27.68
C ARG B 58 -9.45 15.75 27.14
N LYS B 59 -10.56 15.60 27.85
CA LYS B 59 -11.66 14.73 27.41
C LYS B 59 -12.92 15.59 27.41
N ARG B 60 -13.92 15.21 26.61
CA ARG B 60 -15.19 15.93 26.60
C ARG B 60 -16.15 15.33 27.63
N ILE B 61 -16.69 16.19 28.50
CA ILE B 61 -17.57 15.74 29.57
C ILE B 61 -19.00 16.26 29.39
N ILE B 62 -19.95 15.34 29.48
CA ILE B 62 -21.37 15.66 29.36
C ILE B 62 -22.07 15.29 30.66
N ILE B 63 -22.95 16.18 31.14
CA ILE B 63 -23.79 15.91 32.31
C ILE B 63 -25.20 15.53 31.90
N ARG B 64 -25.75 14.51 32.55
CA ARG B 64 -27.13 14.09 32.34
C ARG B 64 -27.75 13.70 33.66
N SER B 65 -29.08 13.66 33.71
CA SER B 65 -29.76 13.13 34.87
C SER B 65 -29.76 11.62 34.81
N ASP B 66 -29.59 10.98 35.95
CA ASP B 66 -29.64 9.53 36.01
C ASP B 66 -31.04 9.04 35.65
N ARG B 67 -31.09 7.87 34.99
CA ARG B 67 -32.36 7.20 34.68
C ARG B 67 -33.25 7.11 35.91
N SER B 68 -32.62 7.10 37.09
CA SER B 68 -33.31 7.13 38.37
C SER B 68 -34.24 8.33 38.55
N VAL B 69 -33.75 9.53 38.24
CA VAL B 69 -34.51 10.77 38.48
C VAL B 69 -35.20 11.33 37.23
N LEU B 70 -35.32 10.50 36.20
CA LEU B 70 -36.05 10.88 34.99
C LEU B 70 -37.50 10.45 35.11
N MET B 71 -38.41 11.39 34.90
CA MET B 71 -39.84 11.14 35.04
C MET B 71 -40.40 10.38 33.84
N ASP B 72 -41.44 9.59 34.08
CA ASP B 72 -42.16 8.87 33.03
C ASP B 72 -42.48 9.78 31.86
N PRO B 73 -42.24 9.30 30.63
CA PRO B 73 -42.48 10.09 29.42
C PRO B 73 -43.88 10.68 29.37
N GLU B 74 -44.89 9.84 29.59
CA GLU B 74 -46.28 10.28 29.60
C GLU B 74 -46.51 11.35 30.67
N LYS B 75 -46.02 11.09 31.88
CA LYS B 75 -46.14 12.03 33.00
C LYS B 75 -45.42 13.35 32.74
N ALA B 76 -44.27 13.28 32.07
CA ALA B 76 -43.48 14.45 31.73
C ALA B 76 -44.22 15.41 30.80
N ILE B 77 -44.88 14.85 29.78
CA ILE B 77 -45.68 15.63 28.83
C ILE B 77 -46.71 16.48 29.58
N ARG B 78 -47.45 15.84 30.48
CA ARG B 78 -48.44 16.52 31.33
C ARG B 78 -47.80 17.70 32.06
N LYS B 79 -46.64 17.48 32.68
CA LYS B 79 -45.92 18.52 33.42
C LYS B 79 -45.42 19.66 32.54
N ILE B 80 -45.22 19.36 31.26
CA ILE B 80 -44.73 20.37 30.32
C ILE B 80 -45.84 21.33 29.88
N HIS B 81 -46.97 20.78 29.44
CA HIS B 81 -48.11 21.59 29.01
C HIS B 81 -48.62 22.49 30.12
N GLU B 82 -48.27 22.12 31.35
CA GLU B 82 -48.54 22.93 32.52
C GLU B 82 -47.76 24.23 32.42
N ILE B 83 -46.52 24.13 31.96
CA ILE B 83 -45.62 25.27 31.90
C ILE B 83 -45.32 25.73 30.47
N VAL B 84 -46.27 26.43 29.87
CA VAL B 84 -46.04 27.20 28.65
C VAL B 84 -46.97 28.43 28.61
N PRO B 85 -48.26 28.27 29.01
CA PRO B 85 -48.99 27.00 29.15
C PRO B 85 -49.45 26.49 27.78
N GLU B 86 -49.85 27.42 26.91
CA GLU B 86 -50.29 27.07 25.55
C GLU B 86 -49.85 28.08 24.49
N GLU B 87 -49.52 29.30 24.91
CA GLU B 87 -49.14 30.40 24.02
C GLU B 87 -48.15 29.93 22.96
N ALA B 88 -46.98 29.49 23.41
CA ALA B 88 -45.97 28.91 22.53
C ALA B 88 -46.48 27.56 22.07
N LYS B 89 -47.18 27.56 20.94
CA LYS B 89 -47.90 26.37 20.48
C LYS B 89 -46.93 25.27 20.07
N ILE B 90 -46.91 24.20 20.87
CA ILE B 90 -46.04 23.06 20.63
C ILE B 90 -46.61 22.22 19.50
N THR B 91 -45.72 21.72 18.65
CA THR B 91 -46.10 20.91 17.50
C THR B 91 -45.94 19.42 17.80
N ASN B 92 -44.79 19.04 18.35
CA ASN B 92 -44.51 17.66 18.71
C ASN B 92 -43.49 17.58 19.84
N ILE B 93 -43.62 16.55 20.66
CA ILE B 93 -42.64 16.30 21.72
C ILE B 93 -42.07 14.89 21.57
N SER B 94 -40.74 14.80 21.65
CA SER B 94 -40.02 13.54 21.52
C SER B 94 -39.12 13.33 22.73
N PHE B 95 -38.65 12.09 22.89
CA PHE B 95 -37.73 11.75 23.96
C PHE B 95 -36.53 10.94 23.45
N ASP B 96 -35.43 10.99 24.19
CA ASP B 96 -34.22 10.25 23.84
C ASP B 96 -33.59 9.64 25.09
N ASP B 97 -33.80 8.34 25.26
CA ASP B 97 -33.32 7.59 26.42
C ASP B 97 -31.80 7.62 26.56
N VAL B 98 -31.13 7.79 25.43
CA VAL B 98 -29.68 7.75 25.39
C VAL B 98 -29.10 9.05 25.94
N THR B 99 -29.62 10.18 25.49
CA THR B 99 -29.07 11.48 25.88
C THR B 99 -29.84 12.12 27.03
N CYS B 100 -30.90 11.46 27.50
CA CYS B 100 -31.78 11.99 28.54
C CYS B 100 -32.29 13.38 28.13
N GLU B 101 -32.80 13.45 26.91
CA GLU B 101 -33.19 14.72 26.31
C GLU B 101 -34.65 14.70 25.85
N VAL B 102 -35.37 15.75 26.20
CA VAL B 102 -36.71 15.97 25.70
C VAL B 102 -36.66 16.99 24.55
N ILE B 103 -37.12 16.57 23.38
CA ILE B 103 -37.11 17.41 22.19
C ILE B 103 -38.49 18.05 22.05
N ILE B 104 -38.50 19.36 21.91
CA ILE B 104 -39.75 20.11 21.79
C ILE B 104 -39.70 21.07 20.62
N GLU B 105 -40.58 20.85 19.65
CA GLU B 105 -40.72 21.79 18.53
C GLU B 105 -42.02 22.59 18.66
N ALA B 106 -41.89 23.91 18.63
CA ALA B 106 -42.99 24.81 18.85
C ALA B 106 -42.98 25.97 17.87
N ARG B 107 -44.10 26.67 17.78
CA ARG B 107 -44.21 27.85 16.93
C ARG B 107 -43.38 28.99 17.51
N LYS B 108 -43.46 29.17 18.83
CA LYS B 108 -42.75 30.24 19.52
C LYS B 108 -41.83 29.67 20.60
N PRO B 109 -40.60 29.28 20.21
CA PRO B 109 -39.64 28.64 21.12
C PRO B 109 -39.18 29.51 22.28
N GLY B 110 -39.10 30.82 22.06
CA GLY B 110 -38.67 31.76 23.11
C GLY B 110 -39.46 31.63 24.40
N LEU B 111 -40.73 31.24 24.26
CA LEU B 111 -41.65 31.09 25.40
C LEU B 111 -41.51 29.74 26.09
N VAL B 112 -40.81 28.82 25.41
CA VAL B 112 -40.50 27.52 25.99
C VAL B 112 -39.19 27.61 26.74
N ILE B 113 -38.32 28.53 26.30
CA ILE B 113 -37.07 28.81 27.02
C ILE B 113 -37.38 29.69 28.22
N GLY B 114 -38.16 30.74 27.98
CA GLY B 114 -38.49 31.75 28.99
C GLY B 114 -37.32 32.68 29.25
N LYS B 115 -37.62 33.93 29.59
CA LYS B 115 -36.59 34.90 29.89
C LYS B 115 -35.65 34.36 30.96
N TYR B 116 -34.36 34.57 30.78
CA TYR B 116 -33.32 34.11 31.70
C TYR B 116 -33.25 32.58 31.73
N GLY B 117 -33.77 31.95 30.67
CA GLY B 117 -33.84 30.49 30.58
C GLY B 117 -34.78 29.87 31.60
N SER B 118 -35.53 30.72 32.29
CA SER B 118 -36.38 30.33 33.42
C SER B 118 -37.24 29.10 33.17
N THR B 119 -38.00 29.12 32.07
CA THR B 119 -38.95 28.06 31.76
C THR B 119 -38.25 26.71 31.59
N SER B 120 -37.22 26.66 30.75
CA SER B 120 -36.47 25.42 30.50
C SER B 120 -35.86 24.88 31.79
N ARG B 121 -35.23 25.76 32.57
CA ARG B 121 -34.68 25.42 33.87
C ARG B 121 -35.70 24.67 34.73
N GLU B 122 -36.94 25.17 34.72
CA GLU B 122 -38.02 24.58 35.51
C GLU B 122 -38.45 23.21 34.99
N ILE B 123 -38.33 22.99 33.68
CA ILE B 123 -38.66 21.70 33.09
C ILE B 123 -37.69 20.62 33.58
N VAL B 124 -36.41 20.98 33.70
CA VAL B 124 -35.39 20.08 34.24
C VAL B 124 -35.69 19.79 35.71
N LYS B 125 -35.92 20.85 36.47
CA LYS B 125 -36.25 20.75 37.89
C LYS B 125 -37.44 19.81 38.11
N ASN B 126 -38.40 19.86 37.19
CA ASN B 126 -39.65 19.13 37.36
C ASN B 126 -39.66 17.71 36.82
N THR B 127 -38.95 17.46 35.73
CA THR B 127 -39.01 16.15 35.07
C THR B 127 -37.67 15.40 35.04
N GLY B 128 -36.58 16.14 35.18
CA GLY B 128 -35.24 15.56 35.09
C GLY B 128 -34.76 15.44 33.66
N TRP B 129 -35.63 15.72 32.70
CA TRP B 129 -35.29 15.71 31.29
C TRP B 129 -34.59 16.99 30.85
N ALA B 130 -33.66 16.87 29.92
CA ALA B 130 -32.94 18.01 29.39
C ALA B 130 -33.62 18.52 28.13
N PRO B 131 -34.22 19.72 28.20
CA PRO B 131 -34.95 20.26 27.05
C PRO B 131 -34.05 20.71 25.91
N LYS B 132 -34.21 20.06 24.76
CA LYS B 132 -33.65 20.54 23.50
C LYS B 132 -34.78 21.21 22.73
N ILE B 133 -34.74 22.53 22.68
CA ILE B 133 -35.84 23.34 22.14
C ILE B 133 -35.57 23.74 20.69
N LEU B 134 -36.57 23.52 19.83
CA LEU B 134 -36.44 23.84 18.41
C LEU B 134 -37.70 24.53 17.89
N ARG B 135 -37.52 25.36 16.86
CA ARG B 135 -38.66 25.91 16.14
C ARG B 135 -39.20 24.86 15.19
N THR B 136 -40.51 24.78 15.07
CA THR B 136 -41.13 23.85 14.15
C THR B 136 -40.84 24.25 12.71
N PRO B 137 -40.24 23.33 11.93
CA PRO B 137 -39.86 23.61 10.55
C PRO B 137 -41.07 23.81 9.64
N PRO B 138 -40.93 24.64 8.58
CA PRO B 138 -42.03 24.90 7.64
C PRO B 138 -42.59 23.64 6.97
N ILE B 139 -41.71 22.67 6.71
CA ILE B 139 -42.10 21.37 6.19
C ILE B 139 -41.41 20.31 7.04
N SER B 140 -42.10 19.22 7.33
CA SER B 140 -41.47 18.08 8.01
C SER B 140 -40.85 17.15 6.99
N SER B 141 -39.75 16.50 7.38
CA SER B 141 -39.03 15.59 6.52
C SER B 141 -39.34 14.14 6.84
N GLU B 142 -39.98 13.46 5.89
CA GLU B 142 -40.28 12.03 6.00
C GLU B 142 -39.06 11.23 6.41
N ILE B 143 -37.90 11.60 5.87
CA ILE B 143 -36.66 10.90 6.13
C ILE B 143 -36.17 11.13 7.56
N ILE B 144 -36.23 12.37 8.02
CA ILE B 144 -35.79 12.69 9.38
C ILE B 144 -36.64 11.98 10.43
N GLU B 145 -37.96 11.97 10.22
CA GLU B 145 -38.87 11.25 11.12
C GLU B 145 -38.57 9.75 11.13
N ARG B 146 -38.31 9.19 9.95
CA ARG B 146 -37.99 7.77 9.82
C ARG B 146 -36.72 7.40 10.58
N ILE B 147 -35.73 8.29 10.54
CA ILE B 147 -34.48 8.11 11.28
C ILE B 147 -34.74 8.13 12.78
N ARG B 148 -35.52 9.12 13.22
CA ARG B 148 -35.82 9.27 14.64
C ARG B 148 -36.47 8.03 15.23
N ARG B 149 -37.47 7.48 14.51
CA ARG B 149 -38.12 6.22 14.88
C ARG B 149 -37.09 5.12 15.07
N THR B 150 -36.23 4.97 14.07
CA THR B 150 -35.15 3.99 14.10
C THR B 150 -34.31 4.13 15.37
N LEU B 151 -33.96 5.38 15.68
CA LEU B 151 -33.15 5.68 16.87
C LEU B 151 -33.88 5.39 18.17
N ARG B 152 -35.18 5.69 18.22
CA ARG B 152 -36.00 5.41 19.41
C ARG B 152 -36.10 3.90 19.65
N LYS B 153 -36.47 3.16 18.61
CA LYS B 153 -36.76 1.74 18.75
C LYS B 153 -35.50 0.87 18.80
N ASN B 154 -34.35 1.50 18.94
CA ASN B 154 -33.08 0.78 19.10
C ASN B 154 -32.18 1.36 20.18
N SER B 155 -32.75 2.21 21.04
CA SER B 155 -32.03 2.84 22.14
C SER B 155 -31.30 1.81 23.01
N LYS B 156 -32.00 0.73 23.33
CA LYS B 156 -31.41 -0.38 24.07
C LYS B 156 -30.07 -0.76 23.47
N GLU B 157 -30.07 -1.11 22.18
CA GLU B 157 -28.87 -1.53 21.47
C GLU B 157 -27.87 -0.39 21.40
N ARG B 158 -28.36 0.79 21.04
CA ARG B 158 -27.51 1.95 20.84
C ARG B 158 -26.72 2.30 22.10
N LYS B 159 -27.33 2.11 23.26
CA LYS B 159 -26.68 2.31 24.54
C LYS B 159 -25.48 1.37 24.70
N LYS B 160 -25.67 0.12 24.31
CA LYS B 160 -24.60 -0.88 24.37
C LYS B 160 -23.50 -0.56 23.37
N ILE B 161 -23.90 -0.16 22.17
CA ILE B 161 -22.97 0.18 21.10
C ILE B 161 -21.98 1.24 21.56
N LEU B 162 -22.51 2.32 22.15
CA LEU B 162 -21.68 3.42 22.63
C LEU B 162 -20.76 2.98 23.76
N GLN B 163 -21.27 2.12 24.63
CA GLN B 163 -20.52 1.64 25.79
C GLN B 163 -19.24 0.88 25.39
N GLN B 164 -19.33 0.07 24.33
CA GLN B 164 -18.18 -0.67 23.81
C GLN B 164 -17.25 0.25 23.04
N LEU B 165 -17.84 1.08 22.18
CA LEU B 165 -17.08 2.02 21.37
C LEU B 165 -16.29 2.95 22.27
N GLY B 166 -16.95 3.50 23.29
CA GLY B 166 -16.30 4.37 24.24
C GLY B 166 -15.16 3.65 24.94
N ASN B 167 -15.40 2.39 25.27
CA ASN B 167 -14.42 1.53 25.90
C ASN B 167 -13.16 1.33 25.05
N ARG B 168 -13.33 1.25 23.73
CA ARG B 168 -12.20 1.12 22.81
C ARG B 168 -11.45 2.43 22.59
N ILE B 169 -12.19 3.53 22.58
CA ILE B 169 -11.63 4.83 22.19
C ILE B 169 -10.67 5.41 23.23
N HIS B 170 -11.04 5.33 24.50
CA HIS B 170 -10.32 6.04 25.55
C HIS B 170 -9.15 5.26 26.16
N GLN B 171 -8.78 4.15 25.50
CA GLN B 171 -7.63 3.36 25.91
C GLN B 171 -6.33 4.12 25.67
N LYS B 172 -5.27 3.71 26.36
CA LYS B 172 -3.94 4.21 26.08
C LYS B 172 -3.49 3.62 24.74
N PRO B 173 -2.82 4.43 23.88
CA PRO B 173 -2.33 3.89 22.62
C PRO B 173 -1.38 2.71 22.83
N LYS B 174 -1.59 1.65 22.07
CA LYS B 174 -0.84 0.40 22.23
C LYS B 174 0.62 0.51 21.80
N TYR B 175 0.86 1.07 20.63
CA TYR B 175 2.21 1.22 20.08
C TYR B 175 2.53 2.69 19.92
N ASP B 176 3.81 2.99 19.74
CA ASP B 176 4.25 4.35 19.47
C ASP B 176 3.71 4.81 18.12
N ASN B 177 3.74 6.11 17.87
CA ASN B 177 3.24 6.64 16.62
C ASN B 177 4.36 6.99 15.65
N ASP B 178 5.21 6.00 15.36
CA ASP B 178 6.42 6.19 14.55
C ASP B 178 6.12 6.56 13.10
N TRP B 179 4.96 6.12 12.61
CA TRP B 179 4.61 6.30 11.20
C TRP B 179 3.13 6.44 10.96
N ALA B 180 2.80 7.04 9.82
CA ALA B 180 1.42 7.14 9.35
C ALA B 180 1.42 7.04 7.83
N ARG B 181 0.36 6.47 7.28
CA ARG B 181 0.26 6.27 5.85
C ARG B 181 -1.19 6.32 5.36
N LEU B 182 -1.35 6.69 4.09
CA LEU B 182 -2.65 6.78 3.44
C LEU B 182 -2.70 5.94 2.18
N THR B 183 -3.67 5.03 2.12
CA THR B 183 -3.88 4.20 0.95
C THR B 183 -5.07 4.73 0.16
N ALA B 184 -4.84 5.05 -1.11
CA ALA B 184 -5.91 5.42 -2.03
C ALA B 184 -6.72 4.19 -2.36
N MET B 185 -8.05 4.28 -2.22
CA MET B 185 -8.91 3.13 -2.46
C MET B 185 -9.98 3.39 -3.50
N GLY B 186 -10.19 4.67 -3.83
CA GLY B 186 -11.12 5.06 -4.87
C GLY B 186 -11.07 6.56 -5.11
N GLY B 187 -11.50 6.97 -6.30
CA GLY B 187 -11.56 8.38 -6.65
C GLY B 187 -10.20 9.07 -6.70
N PHE B 188 -9.19 8.37 -7.21
CA PHE B 188 -7.88 8.94 -7.41
C PHE B 188 -7.48 8.84 -8.86
N ARG B 189 -7.11 9.98 -9.45
CA ARG B 189 -6.96 10.10 -10.90
C ARG B 189 -8.26 9.72 -11.59
N GLU B 190 -9.35 9.95 -10.87
CA GLU B 190 -10.73 9.74 -11.35
C GLU B 190 -11.68 10.44 -10.39
N VAL B 191 -12.95 10.51 -10.79
CA VAL B 191 -14.00 11.03 -9.93
C VAL B 191 -15.09 9.97 -9.90
N GLY B 192 -15.22 9.29 -8.76
CA GLY B 192 -16.12 8.13 -8.71
C GLY B 192 -16.33 7.46 -7.37
N ARG B 193 -15.30 6.80 -6.86
CA ARG B 193 -15.49 6.02 -5.64
C ARG B 193 -14.64 6.56 -4.49
N SER B 194 -14.64 7.87 -4.30
CA SER B 194 -13.84 8.48 -3.24
C SER B 194 -13.81 7.61 -1.97
N CYS B 195 -12.63 7.10 -1.67
CA CYS B 195 -12.39 6.29 -0.49
C CYS B 195 -10.92 6.32 -0.15
N LEU B 196 -10.62 6.62 1.11
CA LEU B 196 -9.26 6.84 1.58
C LEU B 196 -9.00 6.10 2.90
N TYR B 197 -7.86 5.42 3.00
CA TYR B 197 -7.57 4.57 4.16
C TYR B 197 -6.40 5.11 4.97
N LEU B 198 -6.69 5.76 6.08
CA LEU B 198 -5.64 6.23 6.96
C LEU B 198 -5.29 5.13 7.92
N GLN B 199 -3.99 4.86 8.05
CA GLN B 199 -3.55 3.87 9.01
C GLN B 199 -2.34 4.31 9.83
N THR B 200 -2.50 4.20 11.15
CA THR B 200 -1.41 4.36 12.09
C THR B 200 -1.10 2.97 12.65
N PRO B 201 -0.04 2.85 13.47
CA PRO B 201 0.27 1.57 14.10
C PRO B 201 -0.85 1.07 15.02
N ASN B 202 -1.77 1.97 15.39
CA ASN B 202 -2.83 1.66 16.31
C ASN B 202 -4.21 1.69 15.69
N SER B 203 -4.39 2.49 14.65
CA SER B 203 -5.73 2.83 14.18
C SER B 203 -5.91 2.71 12.67
N ARG B 204 -7.15 2.38 12.28
CA ARG B 204 -7.54 2.25 10.87
C ARG B 204 -8.82 3.04 10.64
N VAL B 205 -8.74 4.07 9.81
CA VAL B 205 -9.91 4.91 9.52
C VAL B 205 -10.16 5.11 8.02
N LEU B 206 -11.43 4.96 7.63
CA LEU B 206 -11.85 5.28 6.28
C LEU B 206 -12.33 6.70 6.16
N LEU B 207 -11.80 7.41 5.18
CA LEU B 207 -12.29 8.73 4.83
C LEU B 207 -13.05 8.65 3.52
N ASP B 208 -14.38 8.74 3.62
CA ASP B 208 -15.32 8.56 2.51
C ASP B 208 -15.38 7.11 2.04
N CYS B 209 -16.51 6.73 1.45
CA CYS B 209 -16.73 5.39 0.94
C CYS B 209 -17.77 5.40 -0.17
N GLY B 210 -17.40 5.96 -1.31
CA GLY B 210 -18.35 6.24 -2.37
C GLY B 210 -18.54 5.18 -3.43
N VAL B 211 -19.44 5.46 -4.35
CA VAL B 211 -19.74 4.59 -5.48
C VAL B 211 -19.71 5.44 -6.75
N ASN B 212 -19.08 4.91 -7.80
CA ASN B 212 -19.11 5.60 -9.08
C ASN B 212 -20.45 5.38 -9.76
N VAL B 213 -21.36 6.34 -9.54
CA VAL B 213 -22.72 6.30 -10.07
C VAL B 213 -22.72 5.97 -11.57
N ALA B 214 -21.62 6.35 -12.24
CA ALA B 214 -21.38 5.99 -13.63
C ALA B 214 -21.38 4.47 -13.79
N GLY B 215 -22.59 3.90 -13.74
CA GLY B 215 -22.80 2.45 -13.72
C GLY B 215 -22.21 1.73 -14.91
N GLY B 216 -21.15 0.97 -14.62
CA GLY B 216 -20.49 0.14 -15.64
C GLY B 216 -20.11 -1.18 -15.03
N ASP B 217 -18.81 -1.48 -15.06
CA ASP B 217 -18.28 -2.71 -14.46
C ASP B 217 -18.15 -2.51 -12.95
N ASP B 218 -18.19 -3.60 -12.20
CA ASP B 218 -18.01 -3.57 -10.74
C ASP B 218 -16.61 -3.13 -10.38
N LYS B 219 -15.66 -3.55 -11.22
CA LYS B 219 -14.25 -3.20 -11.07
C LYS B 219 -14.01 -1.70 -11.23
N ASN B 220 -15.05 -0.99 -11.68
CA ASN B 220 -14.97 0.46 -11.90
C ASN B 220 -15.94 1.25 -11.04
N SER B 221 -16.89 0.55 -10.41
CA SER B 221 -17.97 1.19 -9.67
C SER B 221 -17.73 1.23 -8.16
N TYR B 222 -17.07 0.21 -7.63
CA TYR B 222 -16.85 0.09 -6.18
C TYR B 222 -15.39 0.35 -5.80
N PRO B 223 -15.14 0.80 -4.54
CA PRO B 223 -13.78 1.01 -4.04
C PRO B 223 -13.07 -0.31 -3.78
N TYR B 224 -11.73 -0.29 -3.80
CA TYR B 224 -10.94 -1.51 -3.74
C TYR B 224 -10.72 -2.02 -2.31
N LEU B 225 -11.72 -2.71 -1.77
CA LEU B 225 -11.65 -3.26 -0.42
C LEU B 225 -10.78 -4.49 -0.35
N ASN B 226 -10.60 -5.12 -1.50
CA ASN B 226 -9.76 -6.31 -1.61
C ASN B 226 -8.25 -6.03 -1.50
N VAL B 227 -7.88 -4.80 -1.11
CA VAL B 227 -6.48 -4.50 -0.80
C VAL B 227 -6.10 -5.19 0.48
N PRO B 228 -4.96 -5.90 0.48
CA PRO B 228 -4.49 -6.69 1.62
C PRO B 228 -4.58 -5.94 2.96
N GLU B 229 -4.21 -4.67 2.94
CA GLU B 229 -4.13 -3.85 4.14
C GLU B 229 -5.49 -3.55 4.77
N PHE B 230 -6.56 -3.72 4.01
CA PHE B 230 -7.89 -3.42 4.53
C PHE B 230 -8.59 -4.64 5.13
N THR B 231 -8.84 -4.56 6.43
CA THR B 231 -9.69 -5.51 7.14
C THR B 231 -10.89 -4.74 7.68
N LEU B 232 -12.04 -5.41 7.72
CA LEU B 232 -13.26 -4.82 8.25
C LEU B 232 -13.28 -4.91 9.77
N ASP B 233 -12.52 -5.86 10.30
CA ASP B 233 -12.45 -6.09 11.75
C ASP B 233 -11.55 -5.10 12.46
N SER B 234 -10.61 -4.52 11.72
CA SER B 234 -9.63 -3.62 12.30
C SER B 234 -10.01 -2.16 12.08
N LEU B 235 -11.07 -1.93 11.31
CA LEU B 235 -11.53 -0.57 10.98
C LEU B 235 -12.19 0.10 12.19
N ASP B 236 -11.55 1.16 12.70
CA ASP B 236 -12.01 1.83 13.90
C ASP B 236 -13.14 2.82 13.65
N ALA B 237 -13.14 3.44 12.47
CA ALA B 237 -14.13 4.46 12.14
C ALA B 237 -14.28 4.69 10.65
N VAL B 238 -15.41 5.25 10.26
CA VAL B 238 -15.63 5.73 8.90
C VAL B 238 -16.08 7.18 9.00
N ILE B 239 -15.44 8.04 8.22
CA ILE B 239 -15.77 9.45 8.19
C ILE B 239 -16.37 9.77 6.81
N ILE B 240 -17.54 10.40 6.80
CA ILE B 240 -18.20 10.80 5.55
C ILE B 240 -18.34 12.30 5.43
N THR B 241 -17.62 12.88 4.47
CA THR B 241 -17.55 14.34 4.31
C THR B 241 -18.90 14.95 3.95
N HIS B 242 -19.48 14.51 2.84
CA HIS B 242 -20.81 14.98 2.40
C HIS B 242 -21.62 13.87 1.77
N ALA B 243 -22.93 14.07 1.72
CA ALA B 243 -23.89 13.00 1.39
C ALA B 243 -23.88 12.44 -0.03
N HIS B 244 -23.15 13.05 -0.95
CA HIS B 244 -23.10 12.58 -2.33
C HIS B 244 -22.73 11.09 -2.45
N LEU B 245 -23.40 10.39 -3.34
CA LEU B 245 -23.17 8.95 -3.53
C LEU B 245 -21.72 8.60 -3.88
N ASP B 246 -21.06 9.45 -4.67
CA ASP B 246 -19.64 9.25 -5.01
C ASP B 246 -18.71 9.40 -3.80
N HIS B 247 -19.31 9.65 -2.63
CA HIS B 247 -18.55 9.74 -1.39
C HIS B 247 -19.13 8.86 -0.28
N SER B 248 -20.41 8.52 -0.39
CA SER B 248 -21.13 7.83 0.69
C SER B 248 -21.87 6.57 0.26
N GLY B 249 -22.02 6.39 -1.04
CA GLY B 249 -22.88 5.33 -1.58
C GLY B 249 -22.53 3.88 -1.28
N PHE B 250 -21.33 3.65 -0.76
CA PHE B 250 -20.88 2.27 -0.52
C PHE B 250 -20.89 1.92 0.96
N LEU B 251 -21.20 2.91 1.79
CA LEU B 251 -21.19 2.73 3.24
C LEU B 251 -22.01 1.53 3.68
N PRO B 252 -23.25 1.39 3.17
CA PRO B 252 -24.06 0.24 3.56
C PRO B 252 -23.44 -1.11 3.23
N TYR B 253 -22.55 -1.17 2.23
CA TYR B 253 -21.88 -2.42 1.90
C TYR B 253 -21.07 -2.89 3.10
N LEU B 254 -20.38 -1.96 3.74
CA LEU B 254 -19.55 -2.29 4.88
C LEU B 254 -20.34 -3.00 5.97
N TYR B 255 -21.50 -2.47 6.28
CA TYR B 255 -22.34 -3.04 7.33
C TYR B 255 -22.95 -4.37 6.91
N HIS B 256 -23.25 -4.51 5.61
CA HIS B 256 -23.68 -5.77 5.03
C HIS B 256 -22.61 -6.82 5.29
N TYR B 257 -21.36 -6.40 5.14
CA TYR B 257 -20.22 -7.31 5.24
C TYR B 257 -19.57 -7.36 6.62
N GLY B 258 -20.33 -6.91 7.63
CA GLY B 258 -20.01 -7.23 9.02
C GLY B 258 -19.38 -6.13 9.87
N TYR B 259 -19.16 -4.97 9.27
CA TYR B 259 -18.60 -3.84 9.99
C TYR B 259 -19.47 -3.52 11.21
N ASP B 260 -18.81 -3.29 12.33
CA ASP B 260 -19.49 -3.12 13.60
C ASP B 260 -19.27 -1.76 14.22
N GLY B 261 -18.45 -0.93 13.57
CA GLY B 261 -17.99 0.34 14.14
C GLY B 261 -18.86 1.53 13.82
N PRO B 262 -18.38 2.74 14.16
CA PRO B 262 -19.18 3.96 13.99
C PRO B 262 -19.00 4.60 12.61
N VAL B 263 -19.86 5.58 12.32
CA VAL B 263 -19.65 6.50 11.20
C VAL B 263 -19.80 7.92 11.73
N TYR B 264 -18.89 8.80 11.32
CA TYR B 264 -18.95 10.18 11.75
C TYR B 264 -19.25 11.09 10.58
N CYS B 265 -20.01 12.15 10.86
CA CYS B 265 -20.41 13.16 9.87
C CYS B 265 -21.28 14.21 10.54
N THR B 266 -21.72 15.20 9.76
CA THR B 266 -22.66 16.21 10.23
C THR B 266 -24.07 15.65 10.15
N ALA B 267 -24.95 16.22 10.96
CA ALA B 267 -26.34 15.79 10.99
C ALA B 267 -27.02 15.80 9.61
N PRO B 268 -26.91 16.90 8.84
CA PRO B 268 -27.57 16.93 7.53
C PRO B 268 -26.98 15.90 6.57
N THR B 269 -25.65 15.79 6.57
CA THR B 269 -24.97 14.77 5.75
C THR B 269 -25.64 13.41 5.99
N ARG B 270 -25.77 13.01 7.26
CA ARG B 270 -26.40 11.74 7.62
C ARG B 270 -27.81 11.59 7.05
N ASP B 271 -28.59 12.66 7.19
CA ASP B 271 -29.97 12.65 6.71
C ASP B 271 -29.99 12.52 5.20
N LEU B 272 -29.23 13.37 4.52
CA LEU B 272 -29.15 13.38 3.07
C LEU B 272 -28.65 12.04 2.54
N MET B 273 -27.55 11.56 3.11
CA MET B 273 -27.00 10.24 2.83
C MET B 273 -28.11 9.23 2.62
N THR B 274 -28.85 9.01 3.70
CA THR B 274 -29.85 7.95 3.77
C THR B 274 -30.92 8.11 2.69
N LEU B 275 -31.24 9.35 2.34
CA LEU B 275 -32.17 9.63 1.28
C LEU B 275 -31.64 9.12 -0.05
N LEU B 276 -30.43 9.53 -0.39
CA LEU B 276 -29.80 9.16 -1.66
C LEU B 276 -29.52 7.67 -1.73
N GLN B 277 -29.05 7.13 -0.61
CA GLN B 277 -28.78 5.71 -0.47
C GLN B 277 -30.07 4.91 -0.72
N LEU B 278 -31.16 5.32 -0.09
CA LEU B 278 -32.45 4.64 -0.25
C LEU B 278 -32.99 4.75 -1.67
N ASP B 279 -32.85 5.93 -2.26
CA ASP B 279 -33.29 6.15 -3.63
C ASP B 279 -32.53 5.26 -4.59
N HIS B 280 -31.22 5.15 -4.35
CA HIS B 280 -30.34 4.29 -5.12
C HIS B 280 -30.79 2.83 -5.06
N ILE B 281 -31.23 2.38 -3.89
CA ILE B 281 -31.79 1.04 -3.72
C ILE B 281 -33.10 0.90 -4.51
N ASP B 282 -33.99 1.88 -4.35
CA ASP B 282 -35.28 1.86 -5.03
C ASP B 282 -35.10 1.83 -6.55
N ILE B 283 -34.13 2.59 -7.05
CA ILE B 283 -33.82 2.65 -8.47
C ILE B 283 -33.41 1.28 -9.04
N ALA B 284 -32.51 0.61 -8.33
CA ALA B 284 -32.01 -0.70 -8.74
C ALA B 284 -33.12 -1.76 -8.81
N HIS B 285 -34.00 -1.75 -7.81
CA HIS B 285 -35.09 -2.74 -7.71
C HIS B 285 -36.23 -2.44 -8.68
N ARG B 286 -36.42 -1.16 -8.97
CA ARG B 286 -37.41 -0.72 -9.95
C ARG B 286 -36.90 -0.99 -11.37
N GLU B 287 -35.61 -1.31 -11.49
CA GLU B 287 -34.97 -1.56 -12.79
C GLU B 287 -34.26 -2.92 -12.90
N ASP B 288 -34.73 -3.91 -12.13
CA ASP B 288 -34.23 -5.28 -12.16
C ASP B 288 -32.71 -5.40 -12.20
N GLU B 289 -32.04 -4.79 -11.22
CA GLU B 289 -30.58 -4.81 -11.17
C GLU B 289 -30.03 -5.11 -9.79
N PRO B 290 -29.01 -6.00 -9.73
CA PRO B 290 -28.33 -6.39 -8.48
C PRO B 290 -27.55 -5.26 -7.81
N LEU B 291 -27.54 -5.27 -6.49
CA LEU B 291 -26.83 -4.31 -5.67
C LEU B 291 -26.46 -5.02 -4.37
N PRO B 292 -25.18 -4.95 -3.94
CA PRO B 292 -24.73 -5.77 -2.83
C PRO B 292 -25.06 -5.19 -1.44
N PHE B 293 -26.20 -4.49 -1.34
CA PHE B 293 -26.79 -4.07 -0.07
C PHE B 293 -28.25 -3.68 -0.19
N ASN B 294 -28.95 -3.67 0.93
CA ASN B 294 -30.40 -3.46 0.98
C ASN B 294 -30.76 -2.46 2.07
N VAL B 295 -32.06 -2.20 2.22
CA VAL B 295 -32.57 -1.31 3.25
C VAL B 295 -32.07 -1.71 4.64
N LYS B 296 -32.22 -3.00 4.97
CA LYS B 296 -31.73 -3.58 6.22
C LYS B 296 -30.43 -2.94 6.66
N HIS B 297 -29.52 -2.81 5.69
CA HIS B 297 -28.15 -2.37 5.93
C HIS B 297 -28.05 -0.87 6.14
N VAL B 298 -28.89 -0.10 5.43
CA VAL B 298 -28.93 1.35 5.61
C VAL B 298 -29.38 1.66 7.04
N LYS B 299 -30.32 0.87 7.55
CA LYS B 299 -30.81 1.02 8.92
C LYS B 299 -29.68 0.78 9.91
N LYS B 300 -28.89 -0.27 9.68
CA LYS B 300 -27.77 -0.59 10.55
C LYS B 300 -26.80 0.59 10.54
N SER B 301 -26.57 1.14 9.35
CA SER B 301 -25.68 2.28 9.17
C SER B 301 -26.08 3.47 10.04
N VAL B 302 -27.38 3.74 10.08
CA VAL B 302 -27.91 4.79 10.93
C VAL B 302 -27.60 4.51 12.41
N LYS B 303 -27.97 3.32 12.87
CA LYS B 303 -27.72 2.90 14.26
C LYS B 303 -26.33 3.24 14.76
N HIS B 304 -25.35 3.16 13.86
CA HIS B 304 -23.96 3.33 14.22
C HIS B 304 -23.44 4.74 13.93
N THR B 305 -24.27 5.55 13.27
CA THR B 305 -23.86 6.92 12.92
C THR B 305 -23.78 7.80 14.17
N ILE B 306 -22.74 8.64 14.21
CA ILE B 306 -22.59 9.65 15.26
C ILE B 306 -22.41 11.01 14.59
N THR B 307 -23.39 11.88 14.77
CA THR B 307 -23.40 13.19 14.11
C THR B 307 -22.60 14.23 14.90
N LEU B 308 -21.84 15.05 14.19
CA LEU B 308 -21.02 16.07 14.82
C LEU B 308 -21.30 17.45 14.24
N ASP B 309 -21.04 18.47 15.05
CA ASP B 309 -21.14 19.84 14.60
C ASP B 309 -19.79 20.29 14.05
N TYR B 310 -19.81 21.31 13.19
CA TYR B 310 -18.58 21.93 12.71
C TYR B 310 -17.78 22.45 13.89
N GLY B 311 -16.48 22.19 13.89
CA GLY B 311 -15.59 22.66 14.95
C GLY B 311 -15.70 21.89 16.25
N GLU B 312 -16.37 20.74 16.22
CA GLU B 312 -16.53 19.90 17.40
C GLU B 312 -15.40 18.87 17.46
N VAL B 313 -14.45 19.09 18.36
CA VAL B 313 -13.31 18.19 18.55
C VAL B 313 -13.78 16.93 19.25
N THR B 314 -13.55 15.78 18.61
CA THR B 314 -14.04 14.52 19.16
C THR B 314 -12.99 13.41 19.10
N ASP B 315 -12.86 12.65 20.19
CA ASP B 315 -11.92 11.53 20.23
C ASP B 315 -12.48 10.32 19.44
N ILE B 316 -11.77 9.94 18.39
CA ILE B 316 -12.19 8.90 17.44
C ILE B 316 -11.47 7.61 17.74
N ALA B 317 -10.19 7.73 18.08
CA ALA B 317 -9.32 6.62 18.43
C ALA B 317 -8.42 7.11 19.56
N PRO B 318 -7.78 6.18 20.28
CA PRO B 318 -6.81 6.55 21.31
C PRO B 318 -5.70 7.51 20.84
N ASP B 319 -5.41 7.52 19.54
CA ASP B 319 -4.41 8.42 18.99
C ASP B 319 -4.95 9.39 17.93
N ILE B 320 -6.26 9.52 17.85
CA ILE B 320 -6.87 10.40 16.84
C ILE B 320 -8.01 11.26 17.41
N ARG B 321 -7.93 12.56 17.14
CA ARG B 321 -9.04 13.49 17.35
C ARG B 321 -9.53 14.01 16.01
N LEU B 322 -10.85 14.10 15.86
CA LEU B 322 -11.44 14.59 14.61
C LEU B 322 -12.21 15.89 14.81
N THR B 323 -12.03 16.82 13.87
CA THR B 323 -12.87 18.01 13.79
C THR B 323 -13.36 18.18 12.36
N LEU B 324 -14.67 18.43 12.22
CA LEU B 324 -15.23 18.71 10.90
C LEU B 324 -15.34 20.22 10.68
N HIS B 325 -14.93 20.65 9.50
CA HIS B 325 -14.98 22.07 9.13
C HIS B 325 -15.82 22.22 7.90
N ASN B 326 -16.49 23.36 7.78
CA ASN B 326 -17.37 23.59 6.66
C ASN B 326 -16.64 23.51 5.31
N ALA B 327 -17.13 22.65 4.43
CA ALA B 327 -16.57 22.52 3.09
C ALA B 327 -17.27 23.45 2.10
N GLY B 328 -18.46 23.93 2.45
CA GLY B 328 -19.25 24.83 1.60
C GLY B 328 -19.73 24.24 0.28
N HIS B 329 -19.68 22.92 0.16
CA HIS B 329 -20.02 22.21 -1.08
C HIS B 329 -21.52 21.94 -1.17
N ILE B 330 -22.03 21.24 -0.17
CA ILE B 330 -23.43 20.82 -0.08
C ILE B 330 -23.86 21.15 1.35
N LEU B 331 -25.16 21.09 1.62
CA LEU B 331 -25.63 21.17 3.00
C LEU B 331 -24.93 20.10 3.85
N GLY B 332 -24.27 20.54 4.91
CA GLY B 332 -23.58 19.62 5.83
C GLY B 332 -22.24 19.12 5.35
N SER B 333 -21.79 19.57 4.18
CA SER B 333 -20.50 19.18 3.64
C SER B 333 -19.34 19.59 4.54
N ALA B 334 -18.43 18.65 4.80
CA ALA B 334 -17.35 18.87 5.73
C ALA B 334 -15.98 18.55 5.16
N MET B 335 -14.97 19.21 5.75
CA MET B 335 -13.58 18.80 5.63
C MET B 335 -13.21 18.10 6.93
N ALA B 336 -12.25 17.19 6.88
CA ALA B 336 -11.82 16.48 8.06
C ALA B 336 -10.44 16.91 8.48
N HIS B 337 -10.31 17.37 9.73
CA HIS B 337 -9.01 17.63 10.31
C HIS B 337 -8.71 16.56 11.35
N LEU B 338 -7.72 15.73 11.02
CA LEU B 338 -7.34 14.65 11.89
C LEU B 338 -6.10 15.00 12.67
N HIS B 339 -6.26 15.17 13.98
CA HIS B 339 -5.14 15.35 14.89
C HIS B 339 -4.61 13.96 15.27
N ILE B 340 -3.44 13.62 14.73
CA ILE B 340 -2.85 12.29 14.94
C ILE B 340 -1.71 12.31 15.93
N GLY B 341 -1.84 11.48 16.96
CA GLY B 341 -0.78 11.24 17.94
C GLY B 341 -0.40 12.47 18.73
N ASP B 342 0.87 12.87 18.63
CA ASP B 342 1.42 14.03 19.32
C ASP B 342 1.04 15.33 18.62
N GLY B 343 0.41 15.22 17.45
CA GLY B 343 -0.08 16.38 16.71
C GLY B 343 0.94 17.01 15.76
N GLN B 344 2.12 16.42 15.70
CA GLN B 344 3.18 16.97 14.87
C GLN B 344 2.97 16.71 13.38
N HIS B 345 2.19 15.67 13.07
CA HIS B 345 2.02 15.24 11.67
C HIS B 345 0.56 15.13 11.25
N ASN B 346 -0.26 16.06 11.74
CA ASN B 346 -1.68 16.08 11.41
C ASN B 346 -1.98 16.26 9.93
N MET B 347 -3.17 15.82 9.51
CA MET B 347 -3.62 15.96 8.14
C MET B 347 -5.01 16.58 8.03
N VAL B 348 -5.31 17.11 6.85
CA VAL B 348 -6.65 17.55 6.49
C VAL B 348 -7.09 16.95 5.15
N TYR B 349 -8.28 16.35 5.17
CA TYR B 349 -8.93 15.91 3.95
C TYR B 349 -10.09 16.86 3.68
N THR B 350 -10.18 17.37 2.47
CA THR B 350 -11.19 18.37 2.14
C THR B 350 -12.52 17.78 1.70
N GLY B 351 -12.46 16.65 1.00
CA GLY B 351 -13.62 16.14 0.28
C GLY B 351 -13.91 17.10 -0.84
N ASP B 352 -15.16 17.14 -1.31
CA ASP B 352 -15.56 18.15 -2.27
C ASP B 352 -15.75 19.46 -1.51
N PHE B 353 -15.36 20.58 -2.13
CA PHE B 353 -15.46 21.89 -1.48
C PHE B 353 -15.52 23.08 -2.45
N LYS B 354 -16.26 24.12 -2.05
CA LYS B 354 -16.27 25.38 -2.79
C LYS B 354 -15.73 26.52 -1.93
N TYR B 355 -14.54 26.99 -2.28
CA TYR B 355 -13.90 28.09 -1.57
C TYR B 355 -14.48 29.42 -2.04
N GLU B 356 -15.80 29.55 -1.88
CA GLU B 356 -16.53 30.75 -2.26
C GLU B 356 -17.87 30.72 -1.55
N GLN B 357 -18.41 31.89 -1.22
CA GLN B 357 -19.73 31.96 -0.63
C GLN B 357 -20.78 31.82 -1.73
N SER B 358 -21.73 30.91 -1.50
CA SER B 358 -22.87 30.74 -2.38
C SER B 358 -24.13 31.28 -1.70
N ARG B 359 -25.18 31.51 -2.48
CA ARG B 359 -26.46 31.97 -1.94
C ARG B 359 -26.93 31.07 -0.82
N LEU B 360 -26.57 29.79 -0.95
CA LEU B 360 -27.02 28.74 -0.05
C LEU B 360 -26.07 28.47 1.12
N LEU B 361 -24.77 28.57 0.88
CA LEU B 361 -23.78 28.14 1.85
C LEU B 361 -22.64 29.13 2.08
N GLU B 362 -22.00 29.00 3.23
CA GLU B 362 -20.82 29.78 3.56
C GLU B 362 -19.61 29.20 2.86
N ALA B 363 -18.60 30.02 2.62
CA ALA B 363 -17.35 29.61 1.99
C ALA B 363 -16.65 28.50 2.77
N ALA B 364 -15.95 27.63 2.04
CA ALA B 364 -15.16 26.56 2.64
C ALA B 364 -14.13 27.09 3.63
N ALA B 365 -14.10 26.47 4.81
CA ALA B 365 -13.14 26.83 5.86
C ALA B 365 -11.70 26.74 5.35
N ASN B 366 -10.89 27.71 5.72
CA ASN B 366 -9.46 27.68 5.38
C ASN B 366 -8.55 27.78 6.60
N ARG B 367 -9.15 28.08 7.75
CA ARG B 367 -8.42 28.20 9.01
C ARG B 367 -8.41 26.89 9.82
N PHE B 368 -7.21 26.35 10.06
CA PHE B 368 -7.06 25.11 10.84
C PHE B 368 -5.89 25.17 11.82
N PRO B 369 -5.89 24.29 12.84
CA PRO B 369 -4.71 24.16 13.70
C PRO B 369 -3.62 23.35 13.00
N ARG B 370 -2.54 23.01 13.70
CA ARG B 370 -1.37 22.34 13.11
C ARG B 370 -1.69 21.31 12.02
N ILE B 371 -0.96 21.42 10.92
CA ILE B 371 -1.12 20.55 9.76
C ILE B 371 0.23 20.26 9.12
N GLU B 372 0.40 19.04 8.62
CA GLU B 372 1.55 18.71 7.79
C GLU B 372 1.12 18.27 6.39
N THR B 373 0.05 17.50 6.31
CA THR B 373 -0.42 16.95 5.05
C THR B 373 -1.83 17.43 4.72
N LEU B 374 -2.02 17.87 3.48
CA LEU B 374 -3.32 18.32 3.00
C LEU B 374 -3.75 17.51 1.78
N VAL B 375 -4.97 16.99 1.84
CA VAL B 375 -5.52 16.17 0.76
C VAL B 375 -6.73 16.88 0.21
N MET B 376 -6.60 17.46 -0.98
CA MET B 376 -7.71 18.19 -1.60
C MET B 376 -8.19 17.61 -2.92
N GLU B 377 -9.46 17.87 -3.24
CA GLU B 377 -10.04 17.50 -4.53
C GLU B 377 -9.43 18.33 -5.64
N SER B 378 -9.60 17.86 -6.87
CA SER B 378 -9.01 18.52 -8.02
C SER B 378 -9.88 18.31 -9.25
N THR B 379 -11.19 18.28 -9.03
CA THR B 379 -12.18 18.13 -10.09
C THR B 379 -11.90 19.10 -11.24
N TYR B 380 -11.72 20.37 -10.88
CA TYR B 380 -11.44 21.43 -11.85
C TYR B 380 -10.00 21.92 -11.78
N GLY B 381 -9.05 20.99 -11.79
CA GLY B 381 -7.65 21.33 -12.00
C GLY B 381 -7.43 21.66 -13.46
N GLY B 382 -6.21 22.04 -13.82
CA GLY B 382 -5.92 22.38 -15.21
C GLY B 382 -6.39 23.77 -15.57
N HIS B 383 -5.46 24.57 -16.11
CA HIS B 383 -5.71 25.98 -16.40
C HIS B 383 -7.00 26.25 -17.18
N GLU B 384 -7.36 25.33 -18.07
CA GLU B 384 -8.59 25.43 -18.87
C GLU B 384 -9.87 25.55 -18.05
N ASP B 385 -9.80 25.12 -16.79
CA ASP B 385 -10.99 24.96 -15.94
C ASP B 385 -11.28 26.13 -14.99
N VAL B 386 -11.09 27.35 -15.50
CA VAL B 386 -11.46 28.56 -14.78
C VAL B 386 -12.92 28.88 -15.12
N GLN B 387 -13.71 29.15 -14.09
CA GLN B 387 -15.14 29.44 -14.26
C GLN B 387 -15.41 30.94 -14.18
N PRO B 388 -16.30 31.46 -15.03
CA PRO B 388 -16.68 32.87 -14.96
C PRO B 388 -17.57 33.14 -13.75
N SER B 389 -17.55 34.38 -13.26
CA SER B 389 -18.37 34.78 -12.12
C SER B 389 -19.82 34.40 -12.32
N ARG B 390 -20.50 34.05 -11.23
CA ARG B 390 -21.89 33.60 -11.33
C ARG B 390 -22.84 34.72 -11.76
N ASN B 391 -22.48 35.97 -11.45
CA ASN B 391 -23.20 37.13 -11.97
C ASN B 391 -23.35 37.02 -13.49
N ARG B 392 -22.28 36.55 -14.14
CA ARG B 392 -22.28 36.31 -15.58
C ARG B 392 -23.08 35.06 -15.92
N ALA B 393 -22.88 33.99 -15.13
CA ALA B 393 -23.60 32.73 -15.33
C ALA B 393 -25.11 32.93 -15.25
N GLU B 394 -25.53 33.70 -14.25
CA GLU B 394 -26.94 34.06 -14.06
C GLU B 394 -27.50 34.76 -15.30
N LYS B 395 -26.79 35.80 -15.76
CA LYS B 395 -27.19 36.54 -16.95
C LYS B 395 -27.23 35.64 -18.19
N GLU B 396 -26.25 34.76 -18.31
CA GLU B 396 -26.17 33.82 -19.43
C GLU B 396 -27.22 32.71 -19.33
N LEU B 397 -27.74 32.49 -18.13
CA LEU B 397 -28.81 31.52 -17.93
C LEU B 397 -30.15 32.11 -18.35
N VAL B 398 -30.46 33.30 -17.84
CA VAL B 398 -31.68 34.02 -18.19
C VAL B 398 -31.84 34.12 -19.70
N LYS B 399 -30.75 34.53 -20.37
CA LYS B 399 -30.70 34.63 -21.82
C LYS B 399 -31.20 33.35 -22.49
N THR B 400 -30.68 32.20 -22.04
CA THR B 400 -31.05 30.90 -22.58
C THR B 400 -32.52 30.57 -22.31
N ILE B 401 -32.98 30.89 -21.10
CA ILE B 401 -34.35 30.62 -20.68
C ILE B 401 -35.35 31.36 -21.56
N TYR B 402 -35.24 32.68 -21.58
CA TYR B 402 -36.14 33.53 -22.35
C TYR B 402 -36.14 33.19 -23.84
N SER B 403 -35.03 32.63 -24.32
CA SER B 403 -34.92 32.15 -25.71
C SER B 403 -35.80 30.93 -25.93
N THR B 404 -35.52 29.87 -25.18
CA THR B 404 -36.23 28.59 -25.29
C THR B 404 -37.72 28.74 -24.95
N LEU B 405 -38.00 29.50 -23.89
CA LEU B 405 -39.35 29.67 -23.35
C LEU B 405 -40.33 30.28 -24.34
N ARG B 406 -39.87 31.28 -25.09
CA ARG B 406 -40.72 31.97 -26.05
C ARG B 406 -40.73 31.27 -27.42
N ARG B 407 -39.80 30.33 -27.60
CA ARG B 407 -39.74 29.47 -28.80
C ARG B 407 -40.81 28.38 -28.79
N GLY B 408 -41.48 28.20 -27.66
CA GLY B 408 -42.46 27.14 -27.47
C GLY B 408 -41.75 25.85 -27.08
N GLY B 409 -40.83 25.97 -26.12
CA GLY B 409 -40.03 24.83 -25.67
C GLY B 409 -39.75 24.83 -24.18
N LYS B 410 -39.53 23.63 -23.64
CA LYS B 410 -39.22 23.46 -22.22
C LYS B 410 -37.71 23.48 -21.97
N ILE B 411 -37.32 23.89 -20.76
CA ILE B 411 -35.92 23.89 -20.34
C ILE B 411 -35.68 22.79 -19.30
N LEU B 412 -34.93 21.76 -19.71
CA LEU B 412 -34.62 20.62 -18.84
C LEU B 412 -33.29 20.82 -18.14
N ILE B 413 -33.30 20.69 -16.82
CA ILE B 413 -32.08 20.71 -16.04
C ILE B 413 -31.99 19.43 -15.20
N PRO B 414 -31.00 18.58 -15.50
CA PRO B 414 -30.83 17.35 -14.74
C PRO B 414 -29.94 17.57 -13.53
N VAL B 415 -30.46 17.28 -12.34
CA VAL B 415 -29.74 17.54 -11.10
C VAL B 415 -29.91 16.42 -10.09
N PHE B 416 -28.86 16.17 -9.32
CA PHE B 416 -28.97 15.29 -8.16
C PHE B 416 -29.89 15.94 -7.14
N ALA B 417 -30.59 15.11 -6.37
CA ALA B 417 -31.56 15.56 -5.38
C ALA B 417 -31.02 16.67 -4.48
N VAL B 418 -29.73 16.58 -4.16
CA VAL B 418 -29.03 17.65 -3.46
C VAL B 418 -27.79 18.07 -4.25
N GLY B 419 -27.61 19.38 -4.40
CA GLY B 419 -26.47 19.91 -5.11
C GLY B 419 -26.77 21.24 -5.70
N ARG B 420 -26.69 21.30 -7.03
CA ARG B 420 -26.96 22.50 -7.79
C ARG B 420 -28.45 22.85 -7.75
N ALA B 421 -29.27 21.84 -7.47
CA ALA B 421 -30.72 21.98 -7.38
C ALA B 421 -31.10 23.09 -6.40
N GLN B 422 -30.53 23.02 -5.20
CA GLN B 422 -30.82 23.98 -4.15
C GLN B 422 -30.45 25.39 -4.59
N GLU B 423 -29.19 25.59 -4.97
CA GLU B 423 -28.69 26.87 -5.48
C GLU B 423 -29.59 27.43 -6.56
N LEU B 424 -29.93 26.55 -7.51
CA LEU B 424 -30.73 26.92 -8.66
C LEU B 424 -32.10 27.43 -8.23
N MET B 425 -32.72 26.73 -7.29
CA MET B 425 -34.05 27.11 -6.83
C MET B 425 -34.09 28.51 -6.22
N ILE B 426 -33.04 28.87 -5.50
CA ILE B 426 -32.92 30.19 -4.89
C ILE B 426 -32.87 31.29 -5.95
N VAL B 427 -31.87 31.19 -6.82
CA VAL B 427 -31.64 32.20 -7.87
C VAL B 427 -32.81 32.25 -8.85
N LEU B 428 -33.50 31.12 -8.99
CA LEU B 428 -34.67 31.03 -9.85
C LEU B 428 -35.86 31.71 -9.19
N GLU B 429 -36.06 31.43 -7.90
CA GLU B 429 -37.17 31.99 -7.15
C GLU B 429 -37.13 33.51 -7.18
N GLU B 430 -35.94 34.08 -6.92
CA GLU B 430 -35.77 35.52 -6.90
C GLU B 430 -36.05 36.17 -8.25
N TYR B 431 -35.65 35.50 -9.33
CA TYR B 431 -35.77 36.09 -10.68
C TYR B 431 -37.19 36.07 -11.25
N ILE B 432 -37.99 35.06 -10.88
CA ILE B 432 -39.38 35.03 -11.30
C ILE B 432 -40.20 36.00 -10.44
N ARG B 433 -39.97 35.97 -9.13
CA ARG B 433 -40.65 36.89 -8.20
C ARG B 433 -40.43 38.35 -8.60
N THR B 434 -39.20 38.68 -8.98
CA THR B 434 -38.86 40.02 -9.46
C THR B 434 -39.51 40.31 -10.81
N GLY B 435 -39.60 39.28 -11.66
CA GLY B 435 -40.14 39.42 -13.00
C GLY B 435 -39.05 39.53 -14.04
N ILE B 436 -37.84 39.12 -13.67
CA ILE B 436 -36.72 39.03 -14.60
C ILE B 436 -36.96 37.85 -15.54
N ILE B 437 -37.77 36.90 -15.07
CA ILE B 437 -38.20 35.75 -15.86
C ILE B 437 -39.72 35.76 -16.02
N ASP B 438 -40.22 35.38 -17.20
CA ASP B 438 -41.65 35.21 -17.45
C ASP B 438 -42.24 34.20 -16.45
N GLU B 439 -43.39 34.53 -15.88
CA GLU B 439 -44.01 33.70 -14.85
C GLU B 439 -44.57 32.40 -15.43
N VAL B 440 -43.84 31.30 -15.20
CA VAL B 440 -44.25 29.96 -15.62
C VAL B 440 -44.00 28.95 -14.49
N PRO B 441 -44.93 27.99 -14.30
CA PRO B 441 -44.80 26.96 -13.26
C PRO B 441 -43.55 26.09 -13.45
N VAL B 442 -42.78 25.89 -12.36
CA VAL B 442 -41.56 25.09 -12.40
C VAL B 442 -41.75 23.78 -11.63
N TYR B 443 -41.55 22.67 -12.33
CA TYR B 443 -41.84 21.35 -11.79
C TYR B 443 -40.62 20.69 -11.16
N ILE B 444 -40.82 20.13 -9.96
CA ILE B 444 -39.75 19.50 -9.17
C ILE B 444 -40.05 18.02 -9.01
N ASP B 445 -39.00 17.20 -8.96
CA ASP B 445 -39.14 15.80 -8.61
C ASP B 445 -39.27 15.63 -7.11
N GLY B 446 -40.05 14.62 -6.70
CA GLY B 446 -40.29 14.33 -5.28
C GLY B 446 -39.02 14.28 -4.45
N MET B 447 -37.93 13.83 -5.08
CA MET B 447 -36.64 13.67 -4.42
C MET B 447 -36.02 14.99 -3.99
N ILE B 448 -36.01 15.97 -4.89
CA ILE B 448 -35.46 17.29 -4.61
C ILE B 448 -36.28 17.97 -3.53
N TRP B 449 -37.60 17.79 -3.62
CA TRP B 449 -38.53 18.31 -2.62
C TRP B 449 -38.19 17.75 -1.24
N GLU B 450 -38.01 16.44 -1.15
CA GLU B 450 -37.69 15.76 0.10
C GLU B 450 -36.34 16.20 0.64
N ALA B 451 -35.40 16.47 -0.28
CA ALA B 451 -34.10 17.02 0.08
C ALA B 451 -34.25 18.43 0.66
N ASN B 452 -35.09 19.25 0.03
CA ASN B 452 -35.37 20.59 0.53
C ASN B 452 -35.87 20.58 1.97
N ALA B 453 -36.77 19.64 2.27
CA ALA B 453 -37.34 19.52 3.61
C ALA B 453 -36.24 19.49 4.66
N ILE B 454 -35.21 18.72 4.36
CA ILE B 454 -34.07 18.56 5.27
C ILE B 454 -33.28 19.87 5.42
N HIS B 455 -33.20 20.64 4.34
CA HIS B 455 -32.50 21.93 4.35
C HIS B 455 -33.15 22.88 5.36
N THR B 456 -34.47 22.99 5.31
CA THR B 456 -35.22 23.87 6.19
C THR B 456 -35.29 23.33 7.62
N ALA B 457 -34.92 22.07 7.80
CA ALA B 457 -34.87 21.47 9.13
C ALA B 457 -33.48 21.59 9.76
N ARG B 458 -32.50 21.96 8.94
CA ARG B 458 -31.13 22.16 9.43
C ARG B 458 -30.65 23.59 9.10
N PRO B 459 -31.31 24.61 9.70
CA PRO B 459 -31.03 26.03 9.41
C PRO B 459 -29.60 26.49 9.70
N GLU B 460 -29.06 26.00 10.82
CA GLU B 460 -27.76 26.44 11.32
C GLU B 460 -26.58 26.11 10.39
N TYR B 461 -26.83 25.23 9.40
CA TYR B 461 -25.83 24.87 8.40
C TYR B 461 -25.93 25.72 7.13
N LEU B 462 -27.08 26.35 6.92
CA LEU B 462 -27.26 27.26 5.79
C LEU B 462 -26.49 28.56 6.02
N SER B 463 -26.15 29.25 4.93
CA SER B 463 -25.41 30.50 5.01
C SER B 463 -26.13 31.47 5.93
N LYS B 464 -25.36 32.31 6.61
CA LYS B 464 -25.93 33.27 7.57
C LYS B 464 -27.01 34.14 6.94
N ASP B 465 -26.77 34.59 5.70
CA ASP B 465 -27.72 35.42 4.95
C ASP B 465 -29.05 34.71 4.77
N LEU B 466 -29.00 33.51 4.21
CA LEU B 466 -30.20 32.75 3.89
C LEU B 466 -30.94 32.26 5.13
N ARG B 467 -30.18 31.85 6.15
CA ARG B 467 -30.72 31.48 7.46
C ARG B 467 -31.59 32.61 8.01
N ASP B 468 -31.05 33.83 7.92
CA ASP B 468 -31.72 35.02 8.40
C ASP B 468 -32.97 35.34 7.58
N GLN B 469 -32.92 35.09 6.27
CA GLN B 469 -34.01 35.50 5.40
C GLN B 469 -35.20 34.53 5.41
N ILE B 470 -34.99 33.33 5.91
CA ILE B 470 -36.06 32.34 5.99
C ILE B 470 -36.67 32.32 7.39
N PHE B 471 -35.80 32.32 8.40
CA PHE B 471 -36.22 32.09 9.77
C PHE B 471 -36.37 33.35 10.61
N HIS B 472 -36.30 34.50 9.98
CA HIS B 472 -36.48 35.76 10.68
C HIS B 472 -37.16 36.79 9.81
N MET B 473 -37.34 36.44 8.54
CA MET B 473 -37.96 37.33 7.59
C MET B 473 -39.06 36.64 6.79
N GLY B 474 -39.16 35.32 6.94
CA GLY B 474 -40.21 34.53 6.30
C GLY B 474 -40.19 34.52 4.79
N HIS B 475 -39.02 34.75 4.20
CA HIS B 475 -38.83 34.65 2.76
C HIS B 475 -38.21 33.29 2.46
N ASN B 476 -38.99 32.24 2.71
CA ASN B 476 -38.59 30.86 2.45
C ASN B 476 -38.87 30.49 1.00
N PRO B 477 -37.82 30.42 0.15
CA PRO B 477 -37.99 30.20 -1.28
C PRO B 477 -38.54 28.82 -1.63
N PHE B 478 -38.29 27.83 -0.78
CA PHE B 478 -38.74 26.45 -0.98
C PHE B 478 -40.24 26.25 -0.73
N ILE B 479 -40.97 27.34 -0.72
CA ILE B 479 -42.40 27.33 -0.43
C ILE B 479 -43.17 27.95 -1.60
N SER B 480 -42.52 28.87 -2.30
CA SER B 480 -43.12 29.61 -3.41
C SER B 480 -44.05 28.74 -4.26
N ASP B 481 -45.26 29.24 -4.47
CA ASP B 481 -46.25 28.57 -5.32
C ASP B 481 -45.72 28.32 -6.73
N ILE B 482 -44.56 28.91 -7.01
CA ILE B 482 -43.83 28.71 -8.26
C ILE B 482 -43.50 27.24 -8.49
N PHE B 483 -43.21 26.51 -7.41
CA PHE B 483 -42.77 25.13 -7.51
C PHE B 483 -43.90 24.11 -7.29
N HIS B 484 -43.81 22.99 -7.99
CA HIS B 484 -44.81 21.92 -7.89
C HIS B 484 -44.16 20.55 -7.74
N LYS B 485 -44.52 19.86 -6.65
CA LYS B 485 -44.05 18.51 -6.37
C LYS B 485 -44.67 17.51 -7.35
N VAL B 486 -43.82 16.74 -8.02
CA VAL B 486 -44.29 15.74 -8.99
C VAL B 486 -44.02 14.32 -8.50
N ASN B 487 -45.11 13.59 -8.25
CA ASN B 487 -45.04 12.17 -7.96
C ASN B 487 -45.90 11.39 -8.94
N GLY B 488 -45.47 10.17 -9.25
CA GLY B 488 -46.17 9.33 -10.22
C GLY B 488 -45.75 9.67 -11.64
N MET B 489 -46.04 8.75 -12.57
CA MET B 489 -45.65 8.88 -13.96
C MET B 489 -46.67 9.65 -14.81
N ASP B 490 -47.92 9.63 -14.37
CA ASP B 490 -49.03 10.26 -15.09
C ASP B 490 -48.93 11.79 -15.10
N GLU B 491 -48.38 12.33 -14.01
CA GLU B 491 -48.16 13.77 -13.90
C GLU B 491 -47.11 14.26 -14.89
N ARG B 492 -46.09 13.42 -15.11
CA ARG B 492 -44.96 13.74 -15.97
C ARG B 492 -45.33 13.81 -17.45
N ARG B 493 -46.23 12.92 -17.87
CA ARG B 493 -46.75 12.91 -19.23
C ARG B 493 -47.55 14.18 -19.53
N GLU B 494 -48.26 14.67 -18.52
CA GLU B 494 -49.14 15.84 -18.65
C GLU B 494 -48.37 17.17 -18.76
N ILE B 495 -47.10 17.14 -18.39
CA ILE B 495 -46.23 18.30 -18.54
C ILE B 495 -45.63 18.34 -19.94
N VAL B 496 -45.29 17.17 -20.47
CA VAL B 496 -44.68 17.04 -21.79
C VAL B 496 -45.63 17.47 -22.91
N GLU B 497 -46.88 16.99 -22.85
CA GLU B 497 -47.90 17.39 -23.81
C GLU B 497 -48.45 18.78 -23.49
N GLY B 498 -48.29 19.20 -22.23
CA GLY B 498 -48.73 20.52 -21.77
C GLY B 498 -47.92 21.68 -22.32
N GLU B 499 -48.21 22.88 -21.84
CA GLU B 499 -47.59 24.12 -22.33
C GLU B 499 -46.24 24.40 -21.64
N PRO B 500 -45.25 24.88 -22.41
CA PRO B 500 -43.84 25.02 -22.00
C PRO B 500 -43.58 25.67 -20.64
N SER B 501 -42.54 25.19 -19.95
CA SER B 501 -42.13 25.68 -18.63
C SER B 501 -40.71 25.17 -18.27
N ILE B 502 -40.44 25.00 -16.96
CA ILE B 502 -39.10 24.59 -16.48
C ILE B 502 -39.13 23.29 -15.66
N ILE B 503 -38.21 22.38 -15.99
CA ILE B 503 -38.14 21.07 -15.34
C ILE B 503 -36.87 20.88 -14.51
N LEU B 504 -37.02 20.27 -13.34
CA LEU B 504 -35.89 19.79 -12.54
C LEU B 504 -36.09 18.32 -12.21
N SER B 505 -35.12 17.49 -12.60
CA SER B 505 -35.26 16.05 -12.46
C SER B 505 -34.04 15.36 -11.86
N THR B 506 -34.30 14.27 -11.13
CA THR B 506 -33.28 13.55 -10.35
C THR B 506 -32.21 12.92 -11.22
N SER B 507 -31.15 12.41 -10.57
CA SER B 507 -29.99 11.80 -11.21
C SER B 507 -29.30 12.81 -12.14
N GLY B 508 -28.35 13.55 -11.58
CA GLY B 508 -27.64 14.64 -12.27
C GLY B 508 -27.20 14.33 -13.69
N MET B 509 -26.06 13.67 -13.83
CA MET B 509 -25.62 13.16 -15.12
C MET B 509 -26.52 11.97 -15.43
N LEU B 510 -27.05 11.93 -16.64
CA LEU B 510 -28.18 11.05 -16.98
C LEU B 510 -27.93 9.55 -16.80
N THR B 511 -28.00 9.09 -15.55
CA THR B 511 -27.85 7.67 -15.21
C THR B 511 -29.15 6.95 -15.53
N GLY B 512 -30.25 7.55 -15.11
CA GLY B 512 -31.57 6.96 -15.27
C GLY B 512 -32.57 7.69 -14.41
N GLY B 513 -33.40 6.92 -13.70
CA GLY B 513 -34.44 7.48 -12.82
C GLY B 513 -35.44 8.31 -13.60
N ASN B 514 -35.88 9.42 -13.00
CA ASN B 514 -36.82 10.33 -13.65
C ASN B 514 -36.15 11.19 -14.71
N SER B 515 -34.84 11.41 -14.55
CA SER B 515 -34.06 12.27 -15.44
C SER B 515 -34.05 11.74 -16.87
N LEU B 516 -33.93 10.42 -16.99
CA LEU B 516 -33.88 9.75 -18.29
C LEU B 516 -35.27 9.69 -18.94
N GLU B 517 -36.31 9.75 -18.11
CA GLU B 517 -37.70 9.70 -18.57
C GLU B 517 -38.08 10.97 -19.34
N TYR B 518 -37.79 12.13 -18.75
CA TYR B 518 -38.06 13.43 -19.38
C TYR B 518 -37.26 13.63 -20.68
N PHE B 519 -36.04 13.10 -20.70
CA PHE B 519 -35.16 13.19 -21.86
C PHE B 519 -35.73 12.42 -23.06
N LYS B 520 -36.24 11.22 -22.79
CA LYS B 520 -36.86 10.38 -23.82
C LYS B 520 -38.26 10.88 -24.22
N TRP B 521 -38.48 12.19 -24.08
CA TRP B 521 -39.74 12.82 -24.45
C TRP B 521 -39.55 14.17 -25.14
N LEU B 522 -38.35 14.75 -25.01
CA LEU B 522 -38.13 16.15 -25.37
C LEU B 522 -36.88 16.46 -26.19
N CYS B 523 -36.03 15.46 -26.42
CA CYS B 523 -34.74 15.68 -27.09
C CYS B 523 -34.82 15.82 -28.62
N GLU B 524 -35.86 15.25 -29.23
CA GLU B 524 -36.02 15.29 -30.68
C GLU B 524 -36.72 16.56 -31.19
N ASP B 525 -37.10 17.43 -30.25
CA ASP B 525 -37.75 18.69 -30.56
C ASP B 525 -36.73 19.84 -30.51
N PRO B 526 -36.55 20.56 -31.63
CA PRO B 526 -35.60 21.67 -31.71
C PRO B 526 -35.91 22.82 -30.75
N ASP B 527 -37.20 23.05 -30.49
CA ASP B 527 -37.66 24.11 -29.59
C ASP B 527 -37.06 24.01 -28.19
N ASN B 528 -36.93 22.77 -27.70
CA ASN B 528 -36.40 22.49 -26.36
C ASN B 528 -34.88 22.68 -26.25
N SER B 529 -34.38 22.64 -25.02
CA SER B 529 -32.94 22.71 -24.76
C SER B 529 -32.58 22.10 -23.40
N LEU B 530 -31.30 21.75 -23.26
CA LEU B 530 -30.80 21.12 -22.03
C LEU B 530 -29.66 21.96 -21.43
N VAL B 531 -29.68 22.11 -20.11
CA VAL B 531 -28.66 22.90 -19.41
C VAL B 531 -27.88 22.09 -18.37
N PHE B 532 -26.57 22.00 -18.57
CA PHE B 532 -25.67 21.38 -17.61
C PHE B 532 -25.13 22.42 -16.66
N VAL B 533 -25.14 22.11 -15.37
CA VAL B 533 -24.72 23.05 -14.34
C VAL B 533 -23.67 22.44 -13.41
N GLY B 534 -23.82 21.15 -13.11
CA GLY B 534 -22.83 20.42 -12.32
C GLY B 534 -21.76 19.78 -13.19
N TYR B 535 -20.82 19.09 -12.57
CA TYR B 535 -19.74 18.41 -13.29
C TYR B 535 -20.26 17.19 -14.05
N GLN B 536 -19.61 16.86 -15.16
CA GLN B 536 -19.97 15.69 -15.97
C GLN B 536 -18.83 14.66 -16.00
N ALA B 537 -19.02 13.57 -15.26
CA ALA B 537 -18.00 12.52 -15.11
C ALA B 537 -17.92 11.62 -16.34
N GLU B 538 -16.74 11.04 -16.54
CA GLU B 538 -16.41 10.25 -17.73
C GLU B 538 -17.52 9.30 -18.20
N GLY B 539 -17.95 8.40 -17.34
CA GLY B 539 -18.88 7.32 -17.73
C GLY B 539 -20.35 7.68 -17.63
N SER B 540 -20.76 8.71 -18.36
CA SER B 540 -22.15 9.15 -18.35
C SER B 540 -22.63 9.66 -19.71
N LEU B 541 -23.95 9.56 -19.94
CA LEU B 541 -24.58 10.08 -21.16
C LEU B 541 -24.49 11.60 -21.16
N GLY B 542 -24.62 12.19 -19.98
CA GLY B 542 -24.45 13.63 -19.80
C GLY B 542 -23.15 14.13 -20.40
N ARG B 543 -22.05 13.48 -20.03
CA ARG B 543 -20.72 13.79 -20.56
C ARG B 543 -20.67 13.69 -22.09
N ARG B 544 -21.35 12.68 -22.62
CA ARG B 544 -21.42 12.47 -24.08
C ARG B 544 -22.19 13.59 -24.78
N ILE B 545 -23.38 13.89 -24.27
CA ILE B 545 -24.24 14.92 -24.85
C ILE B 545 -23.62 16.32 -24.70
N GLN B 546 -22.79 16.51 -23.67
CA GLN B 546 -22.11 17.79 -23.42
C GLN B 546 -20.99 18.07 -24.42
N LYS B 547 -20.34 17.02 -24.92
CA LYS B 547 -19.19 17.17 -25.79
C LYS B 547 -19.53 17.20 -27.28
N GLY B 548 -20.83 17.14 -27.60
CA GLY B 548 -21.29 17.32 -28.98
C GLY B 548 -21.95 16.11 -29.62
N TRP B 549 -22.02 15.00 -28.87
CA TRP B 549 -22.64 13.77 -29.37
C TRP B 549 -24.17 13.89 -29.44
N LYS B 550 -24.76 13.33 -30.51
CA LYS B 550 -26.17 13.51 -30.81
C LYS B 550 -26.99 12.22 -30.95
N GLU B 551 -26.32 11.10 -31.25
CA GLU B 551 -26.99 9.81 -31.47
C GLU B 551 -26.71 8.78 -30.37
N ILE B 552 -27.77 8.22 -29.80
CA ILE B 552 -27.66 7.25 -28.71
C ILE B 552 -28.65 6.09 -28.82
N PRO B 553 -28.24 4.88 -28.41
CA PRO B 553 -29.15 3.72 -28.32
C PRO B 553 -29.64 3.45 -26.89
N LEU B 554 -30.96 3.37 -26.71
CA LEU B 554 -31.58 3.07 -25.41
C LEU B 554 -32.94 2.36 -25.54
N LYS B 555 -33.63 2.19 -24.41
CA LYS B 555 -34.93 1.48 -24.37
C LYS B 555 -36.14 2.42 -24.50
N ASP B 556 -37.23 1.88 -25.07
CA ASP B 556 -38.45 2.64 -25.31
C ASP B 556 -39.48 2.42 -24.20
N GLU B 557 -40.77 2.56 -24.53
CA GLU B 557 -41.86 2.26 -23.61
C GLU B 557 -41.99 0.74 -23.43
N ASP B 558 -42.01 0.01 -24.54
CA ASP B 558 -42.07 -1.45 -24.52
C ASP B 558 -40.68 -2.08 -24.47
N ASP B 559 -39.76 -1.40 -23.79
CA ASP B 559 -38.35 -1.83 -23.64
C ASP B 559 -37.71 -2.20 -24.99
N LYS B 560 -37.84 -1.31 -25.96
CA LYS B 560 -37.33 -1.53 -27.31
C LYS B 560 -36.04 -0.74 -27.57
N MET B 561 -35.05 -1.41 -28.15
CA MET B 561 -33.79 -0.77 -28.52
C MET B 561 -34.06 0.24 -29.63
N ARG B 562 -34.06 1.53 -29.28
CA ARG B 562 -34.46 2.57 -30.24
C ARG B 562 -33.45 3.71 -30.40
N VAL B 563 -33.47 4.31 -31.59
CA VAL B 563 -32.57 5.42 -31.95
C VAL B 563 -33.17 6.74 -31.45
N TYR B 564 -32.29 7.64 -31.00
CA TYR B 564 -32.70 8.97 -30.57
C TYR B 564 -31.78 10.05 -31.15
N ASN B 565 -32.35 10.88 -32.03
CA ASN B 565 -31.59 11.94 -32.69
C ASN B 565 -31.83 13.30 -32.06
N VAL B 566 -30.75 13.91 -31.57
CA VAL B 566 -30.82 15.20 -30.90
C VAL B 566 -30.79 16.34 -31.92
N ARG B 567 -31.79 17.21 -31.83
CA ARG B 567 -31.86 18.44 -32.62
C ARG B 567 -31.85 19.68 -31.72
N MET B 568 -32.13 19.46 -30.44
CA MET B 568 -32.29 20.53 -29.46
C MET B 568 -30.99 21.25 -29.11
N ASN B 569 -31.13 22.41 -28.48
CA ASN B 569 -30.00 23.18 -28.00
C ASN B 569 -29.39 22.53 -26.76
N ILE B 570 -28.05 22.46 -26.71
CA ILE B 570 -27.34 21.99 -25.53
C ILE B 570 -26.42 23.11 -25.02
N LYS B 571 -26.81 23.73 -23.92
CA LYS B 571 -26.09 24.87 -23.36
C LYS B 571 -25.54 24.54 -21.97
N THR B 572 -24.21 24.56 -21.85
CA THR B 572 -23.56 24.37 -20.57
C THR B 572 -23.35 25.73 -19.90
N ILE B 573 -23.77 25.83 -18.63
CA ILE B 573 -23.57 27.05 -17.86
C ILE B 573 -22.41 26.86 -16.88
N GLU B 574 -21.25 27.40 -17.25
CA GLU B 574 -20.06 27.29 -16.44
C GLU B 574 -19.98 28.43 -15.41
N GLY B 575 -19.73 28.05 -14.16
CA GLY B 575 -19.62 29.01 -13.06
C GLY B 575 -20.66 28.81 -11.96
N PHE B 576 -21.12 27.57 -11.81
CA PHE B 576 -22.16 27.26 -10.84
C PHE B 576 -21.96 25.97 -10.05
N SER B 577 -20.92 25.21 -10.40
CA SER B 577 -20.68 23.92 -9.75
C SER B 577 -20.37 24.09 -8.27
N GLY B 578 -20.66 23.04 -7.49
CA GLY B 578 -20.33 23.00 -6.07
C GLY B 578 -18.86 22.75 -5.80
N HIS B 579 -18.06 22.71 -6.87
CA HIS B 579 -16.62 22.57 -6.76
C HIS B 579 -15.97 23.91 -7.10
N SER B 580 -15.01 24.31 -6.28
CA SER B 580 -14.23 25.51 -6.56
C SER B 580 -13.37 25.27 -7.80
N ASP B 581 -13.31 26.26 -8.68
CA ASP B 581 -12.63 26.13 -9.96
C ASP B 581 -11.11 26.22 -9.85
N ARG B 582 -10.45 26.35 -11.00
CA ARG B 582 -8.99 26.42 -11.08
C ARG B 582 -8.39 27.57 -10.26
N ARG B 583 -8.93 28.77 -10.40
CA ARG B 583 -8.45 29.94 -9.64
C ARG B 583 -8.66 29.77 -8.14
N GLN B 584 -9.80 29.22 -7.77
CA GLN B 584 -10.16 29.09 -6.37
C GLN B 584 -9.34 27.99 -5.70
N LEU B 585 -9.13 26.89 -6.41
CA LEU B 585 -8.29 25.80 -5.92
C LEU B 585 -6.88 26.30 -5.64
N MET B 586 -6.36 27.10 -6.57
CA MET B 586 -5.05 27.72 -6.42
C MET B 586 -5.03 28.69 -5.24
N GLU B 587 -6.02 29.58 -5.20
CA GLU B 587 -6.11 30.57 -4.14
C GLU B 587 -6.18 29.90 -2.77
N TYR B 588 -6.87 28.76 -2.71
CA TYR B 588 -7.05 28.05 -1.46
C TYR B 588 -5.72 27.65 -0.85
N VAL B 589 -4.80 27.19 -1.70
CA VAL B 589 -3.48 26.76 -1.26
C VAL B 589 -2.66 27.94 -0.74
N LYS B 590 -2.87 29.12 -1.34
CA LYS B 590 -2.24 30.34 -0.87
C LYS B 590 -2.73 30.66 0.55
N ARG B 591 -4.04 30.76 0.72
CA ARG B 591 -4.65 31.28 1.96
C ARG B 591 -4.87 30.25 3.09
N ILE B 592 -4.49 28.98 2.85
CA ILE B 592 -4.64 27.93 3.86
C ILE B 592 -3.92 28.30 5.17
N SER B 593 -4.62 28.14 6.30
CA SER B 593 -4.21 28.73 7.59
C SER B 593 -2.77 28.44 8.01
N PRO B 594 -2.45 27.16 8.32
CA PRO B 594 -1.04 26.83 8.33
C PRO B 594 -0.66 26.24 6.97
N LYS B 595 0.50 26.65 6.47
CA LYS B 595 1.01 26.12 5.21
C LYS B 595 1.36 24.64 5.36
N PRO B 596 0.77 23.77 4.52
CA PRO B 596 1.10 22.35 4.57
C PRO B 596 2.47 22.08 3.95
N GLU B 597 3.11 21.00 4.38
CA GLU B 597 4.44 20.65 3.89
C GLU B 597 4.37 19.54 2.85
N LYS B 598 3.17 19.00 2.65
CA LYS B 598 2.91 17.99 1.64
C LYS B 598 1.45 18.07 1.25
N ILE B 599 1.18 17.85 -0.03
CA ILE B 599 -0.18 17.88 -0.56
C ILE B 599 -0.44 16.63 -1.41
N LEU B 600 -1.59 16.01 -1.20
CA LEU B 600 -2.05 14.92 -2.05
C LEU B 600 -3.32 15.33 -2.77
N LEU B 601 -3.43 14.95 -4.04
CA LEU B 601 -4.58 15.31 -4.84
C LEU B 601 -5.44 14.10 -5.21
N CYS B 602 -6.74 14.23 -4.95
CA CYS B 602 -7.71 13.18 -5.27
C CYS B 602 -8.88 13.77 -6.03
N HIS B 603 -9.85 12.91 -6.38
CA HIS B 603 -11.16 13.35 -6.89
C HIS B 603 -10.99 14.30 -8.06
N GLY B 604 -10.06 13.98 -8.94
CA GLY B 604 -9.82 14.77 -10.11
C GLY B 604 -9.58 13.89 -11.32
N ASP B 605 -9.93 14.42 -12.48
CA ASP B 605 -9.62 13.76 -13.74
C ASP B 605 -8.11 13.64 -13.91
N ASN B 606 -7.67 12.48 -14.41
CA ASN B 606 -6.26 12.18 -14.53
C ASN B 606 -5.38 13.35 -14.98
N TYR B 607 -5.65 13.85 -16.18
CA TYR B 607 -4.82 14.89 -16.79
C TYR B 607 -4.90 16.21 -16.03
N LYS B 608 -6.05 16.48 -15.42
CA LYS B 608 -6.25 17.68 -14.63
C LYS B 608 -5.46 17.60 -13.32
N THR B 609 -5.51 16.44 -12.68
CA THR B 609 -4.78 16.19 -11.44
C THR B 609 -3.30 16.50 -11.61
N LEU B 610 -2.69 15.95 -12.65
CA LEU B 610 -1.26 16.15 -12.91
C LEU B 610 -0.97 17.61 -13.22
N ASP B 611 -1.84 18.21 -14.04
CA ASP B 611 -1.73 19.63 -14.39
C ASP B 611 -1.69 20.49 -13.13
N LEU B 612 -2.69 20.35 -12.28
CA LEU B 612 -2.76 21.12 -11.04
C LEU B 612 -1.47 20.95 -10.23
N ALA B 613 -1.15 19.70 -9.91
CA ALA B 613 0.05 19.34 -9.13
C ALA B 613 1.30 20.00 -9.70
N SER B 614 1.44 19.93 -11.02
CA SER B 614 2.55 20.56 -11.71
C SER B 614 2.62 22.04 -11.34
N SER B 615 1.46 22.69 -11.27
CA SER B 615 1.38 24.13 -11.04
C SER B 615 1.48 24.49 -9.57
N ILE B 616 0.98 23.63 -8.70
CA ILE B 616 1.10 23.82 -7.26
C ILE B 616 2.56 23.95 -6.89
N TYR B 617 3.35 22.94 -7.26
CA TYR B 617 4.77 22.88 -6.97
C TYR B 617 5.52 24.06 -7.57
N ARG B 618 5.28 24.34 -8.84
CA ARG B 618 5.98 25.39 -9.55
C ARG B 618 5.72 26.76 -8.90
N THR B 619 4.50 26.95 -8.43
CA THR B 619 4.10 28.21 -7.81
C THR B 619 4.54 28.33 -6.36
N TYR B 620 4.16 27.37 -5.53
CA TYR B 620 4.36 27.48 -4.08
C TYR B 620 5.50 26.62 -3.55
N ARG B 621 6.13 25.85 -4.43
CA ARG B 621 7.22 24.94 -4.07
C ARG B 621 6.87 24.06 -2.86
N ILE B 622 5.69 23.45 -2.92
CA ILE B 622 5.26 22.48 -1.93
C ILE B 622 5.12 21.13 -2.63
N GLU B 623 5.72 20.08 -2.06
CA GLU B 623 5.61 18.72 -2.59
C GLU B 623 4.16 18.34 -2.82
N THR B 624 3.82 18.00 -4.06
CA THR B 624 2.49 17.50 -4.36
C THR B 624 2.55 16.11 -4.97
N LYS B 625 1.88 15.18 -4.32
CA LYS B 625 1.81 13.80 -4.80
C LYS B 625 0.48 13.56 -5.50
N THR B 626 0.51 12.82 -6.60
CA THR B 626 -0.68 12.49 -7.38
C THR B 626 -0.77 10.98 -7.52
N PRO B 627 -1.15 10.30 -6.44
CA PRO B 627 -1.03 8.86 -6.35
C PRO B 627 -2.08 8.13 -7.15
N LEU B 628 -1.69 7.03 -7.78
CA LEU B 628 -2.64 6.16 -8.47
C LEU B 628 -3.52 5.43 -7.47
N ASN B 629 -4.55 4.80 -7.99
CA ASN B 629 -5.67 4.34 -7.17
C ASN B 629 -5.41 3.22 -6.15
N LEU B 630 -4.28 2.55 -6.21
CA LEU B 630 -3.98 1.52 -5.20
C LEU B 630 -2.68 1.77 -4.45
N GLU B 631 -2.16 2.98 -4.60
CA GLU B 631 -0.86 3.36 -4.07
C GLU B 631 -0.96 3.79 -2.61
N THR B 632 0.17 3.85 -1.92
CA THR B 632 0.19 4.33 -0.55
C THR B 632 1.21 5.46 -0.37
N VAL B 633 0.77 6.57 0.21
CA VAL B 633 1.65 7.67 0.57
C VAL B 633 1.91 7.67 2.08
N ARG B 634 3.17 7.82 2.46
CA ARG B 634 3.53 7.90 3.86
C ARG B 634 3.44 9.34 4.34
N ILE B 635 2.66 9.56 5.40
CA ILE B 635 2.45 10.90 5.95
C ILE B 635 3.53 11.27 6.96
N GLN B 636 3.92 10.31 7.80
CA GLN B 636 4.91 10.54 8.83
C GLN B 636 6.15 9.67 8.63
#